data_1UWS
#
_entry.id   1UWS
#
_cell.length_a   167.605
_cell.length_b   167.605
_cell.length_c   95.448
_cell.angle_alpha   90.00
_cell.angle_beta   90.00
_cell.angle_gamma   120.00
#
_symmetry.space_group_name_H-M   'P 31 2 1'
#
loop_
_entity.id
_entity.type
_entity.pdbx_description
1 polymer BETA-GALACTOSIDASE
2 non-polymer 2-deoxy-2-fluoro-alpha-D-glucopyranose
3 non-polymer 'ACETATE ION'
4 water water
#
_entity_poly.entity_id   1
_entity_poly.type   'polypeptide(L)'
_entity_poly.pdbx_seq_one_letter_code
;MYSFPNSFRFGWSQAGFQSEMGTPGSEDPNTDWYKWVHDPENMAAGLVSGDLPENGPGYWGNYKTFHDNAQKMGLKIARL
NVEWSRIFPNPLPRPQNFDESKQDVTEVEINENELKRLDEYANKDALNHYREIFKDLKSRGLYFILNMYHWPLPLWLHDP
IRVRRGDFTGPSGWLSTRTVYEFARFSAYIAWKFDDLVDEYSTMNEPNVVGGLGYVGVKSGFPPGYLSFELSRRAMYNII
QAHARAYDGIKSVSKKPVGIIYANSSFQPLTDKDMEAVEMAENDNRWWFFDAIIRGEITRGNEKIVRDDLKGRLDWIGVN
YYTRTVVKRTEKGYVSLGGYGHGCERNSVSLAGLPTSDFGWEFFPEGLYDVLTKYWNRYHLYMYVTENGIADDADYQRPY
YLVSHVYQVHRAINSGADVRGYLHWSLADNYEWASGFSMRFGLLKVDYNTKRLYWRPSALVYREIATNGAITDEIEHLNS
VPPVKPLRH
;
_entity_poly.pdbx_strand_id   A,B
#
# COMPACT_ATOMS: atom_id res chain seq x y z
N MET A 1 -11.25 -31.13 6.08
CA MET A 1 -12.52 -30.46 6.47
C MET A 1 -12.57 -30.09 7.98
N TYR A 2 -13.45 -29.16 8.31
CA TYR A 2 -13.68 -28.76 9.70
C TYR A 2 -15.14 -29.01 10.00
N SER A 3 -15.42 -30.11 10.69
CA SER A 3 -16.80 -30.56 10.89
C SER A 3 -17.29 -30.08 12.24
N PHE A 4 -18.55 -29.64 12.27
CA PHE A 4 -19.16 -29.08 13.47
C PHE A 4 -20.01 -30.16 14.13
N PRO A 5 -20.31 -30.02 15.42
CA PRO A 5 -21.17 -31.00 16.11
C PRO A 5 -22.50 -31.12 15.38
N ASN A 6 -23.12 -32.29 15.50
CA ASN A 6 -24.37 -32.56 14.79
C ASN A 6 -25.51 -31.64 15.18
N SER A 7 -25.43 -31.07 16.37
CA SER A 7 -26.47 -30.19 16.88
C SER A 7 -26.25 -28.72 16.52
N PHE A 8 -25.05 -28.39 16.02
CA PHE A 8 -24.64 -27.01 15.70
C PHE A 8 -25.48 -26.51 14.53
N ARG A 9 -25.98 -25.28 14.60
CA ARG A 9 -26.76 -24.74 13.48
C ARG A 9 -26.13 -23.49 12.88
N PHE A 10 -26.18 -23.40 11.55
CA PHE A 10 -25.77 -22.22 10.80
C PHE A 10 -27.01 -21.46 10.36
N GLY A 11 -26.99 -20.14 10.51
CA GLY A 11 -28.10 -19.33 10.06
C GLY A 11 -27.72 -17.88 9.94
N TRP A 12 -28.66 -17.00 10.33
CA TRP A 12 -28.48 -15.57 10.15
C TRP A 12 -29.25 -14.79 11.19
N SER A 13 -28.82 -13.54 11.36
CA SER A 13 -29.47 -12.61 12.25
C SER A 13 -29.95 -11.41 11.42
N GLN A 14 -31.02 -10.76 11.85
CA GLN A 14 -31.48 -9.56 11.19
C GLN A 14 -32.33 -8.72 12.18
N ALA A 15 -32.57 -7.46 11.85
CA ALA A 15 -33.27 -6.58 12.78
C ALA A 15 -34.54 -6.10 12.11
N GLY A 16 -35.56 -5.80 12.92
CA GLY A 16 -36.82 -5.31 12.36
C GLY A 16 -36.71 -3.97 11.65
N PHE A 17 -36.14 -2.98 12.32
CA PHE A 17 -36.06 -1.63 11.72
C PHE A 17 -35.21 -1.64 10.44
N GLN A 18 -34.18 -2.51 10.43
CA GLN A 18 -33.23 -2.51 9.30
C GLN A 18 -33.78 -3.21 8.07
N SER A 19 -34.64 -4.21 8.28
CA SER A 19 -35.06 -5.08 7.18
C SER A 19 -36.55 -5.03 6.84
N GLU A 20 -37.41 -4.66 7.80
CA GLU A 20 -38.86 -4.81 7.63
C GLU A 20 -39.43 -3.90 6.57
N MET A 21 -39.13 -2.60 6.63
CA MET A 21 -39.76 -1.64 5.73
C MET A 21 -39.28 -1.73 4.28
N GLY A 22 -40.07 -1.21 3.35
CA GLY A 22 -39.75 -1.23 1.93
C GLY A 22 -40.93 -1.65 1.05
N THR A 23 -41.81 -2.49 1.59
CA THR A 23 -43.04 -2.85 0.88
C THR A 23 -44.17 -1.91 1.34
N PRO A 24 -44.88 -1.25 0.41
CA PRO A 24 -46.06 -0.48 0.85
C PRO A 24 -46.93 -1.24 1.88
N GLY A 25 -47.31 -0.53 2.96
CA GLY A 25 -48.07 -1.10 4.08
C GLY A 25 -47.22 -1.45 5.29
N SER A 26 -45.91 -1.39 5.13
CA SER A 26 -45.00 -1.84 6.20
C SER A 26 -44.50 -0.69 7.08
N GLU A 27 -44.80 0.54 6.71
CA GLU A 27 -44.24 1.72 7.34
C GLU A 27 -44.51 1.75 8.84
N ASP A 28 -43.46 1.99 9.64
CA ASP A 28 -43.61 2.17 11.07
C ASP A 28 -42.96 3.48 11.43
N PRO A 29 -43.76 4.56 11.47
CA PRO A 29 -43.24 5.89 11.74
C PRO A 29 -43.10 6.18 13.23
N ASN A 30 -43.43 5.21 14.07
CA ASN A 30 -43.58 5.49 15.51
C ASN A 30 -42.40 5.15 16.41
N THR A 31 -41.16 5.36 15.94
CA THR A 31 -39.99 5.15 16.77
C THR A 31 -39.11 6.37 16.84
N ASP A 32 -38.31 6.40 17.88
CA ASP A 32 -37.27 7.40 17.97
C ASP A 32 -36.37 7.35 16.73
N TRP A 33 -35.95 6.16 16.32
CA TRP A 33 -35.05 5.98 15.17
C TRP A 33 -35.68 6.51 13.87
N TYR A 34 -36.96 6.21 13.66
CA TYR A 34 -37.64 6.76 12.47
C TYR A 34 -37.60 8.27 12.48
N LYS A 35 -37.99 8.89 13.60
CA LYS A 35 -38.00 10.35 13.68
C LYS A 35 -36.60 10.90 13.49
N TRP A 36 -35.64 10.25 14.14
CA TRP A 36 -34.23 10.64 14.11
C TRP A 36 -33.67 10.72 12.67
N VAL A 37 -33.92 9.70 11.85
CA VAL A 37 -33.33 9.69 10.49
C VAL A 37 -34.10 10.58 9.50
N HIS A 38 -35.33 10.96 9.87
CA HIS A 38 -36.09 11.90 9.04
C HIS A 38 -35.87 13.33 9.44
N ASP A 39 -35.13 13.56 10.52
CA ASP A 39 -34.98 14.92 11.04
C ASP A 39 -34.20 15.88 10.12
N PRO A 40 -34.78 17.02 9.75
CA PRO A 40 -34.09 17.96 8.86
C PRO A 40 -32.71 18.39 9.35
N GLU A 41 -32.60 18.72 10.65
CA GLU A 41 -31.33 19.20 11.17
C GLU A 41 -30.29 18.07 11.17
N ASN A 42 -30.70 16.86 11.55
CA ASN A 42 -29.76 15.72 11.50
C ASN A 42 -29.24 15.46 10.09
N MET A 43 -30.12 15.61 9.09
CA MET A 43 -29.74 15.41 7.70
C MET A 43 -28.77 16.47 7.25
N ALA A 44 -29.05 17.74 7.59
CA ALA A 44 -28.19 18.85 7.18
C ALA A 44 -26.81 18.76 7.81
N ALA A 45 -26.75 18.26 9.05
CA ALA A 45 -25.47 18.08 9.77
C ALA A 45 -24.68 16.87 9.27
N GLY A 46 -25.35 16.01 8.50
CA GLY A 46 -24.76 14.75 8.05
C GLY A 46 -24.64 13.69 9.15
N LEU A 47 -25.35 13.89 10.26
CA LEU A 47 -25.38 12.89 11.32
C LEU A 47 -26.11 11.63 10.81
N VAL A 48 -27.09 11.82 9.92
CA VAL A 48 -27.70 10.69 9.25
C VAL A 48 -27.49 10.85 7.75
N SER A 49 -27.53 9.74 7.03
CA SER A 49 -27.21 9.76 5.59
C SER A 49 -28.25 10.44 4.70
N GLY A 50 -29.50 10.52 5.17
CA GLY A 50 -30.56 11.01 4.29
C GLY A 50 -31.31 9.86 3.66
N ASP A 51 -30.76 8.64 3.71
CA ASP A 51 -31.53 7.48 3.29
C ASP A 51 -32.60 7.19 4.31
N LEU A 52 -33.71 6.63 3.87
CA LEU A 52 -34.82 6.38 4.79
C LEU A 52 -35.23 4.93 4.81
N PRO A 53 -35.55 4.41 5.98
CA PRO A 53 -35.82 2.98 6.15
C PRO A 53 -37.07 2.49 5.42
N GLU A 54 -38.06 3.36 5.15
CA GLU A 54 -39.24 2.95 4.38
C GLU A 54 -38.88 2.58 2.92
N ASN A 55 -37.65 2.86 2.50
CA ASN A 55 -37.19 2.44 1.18
C ASN A 55 -36.33 1.16 1.27
N GLY A 56 -36.56 0.38 2.32
CA GLY A 56 -35.73 -0.78 2.64
C GLY A 56 -35.99 -2.08 1.89
N PRO A 57 -35.45 -3.20 2.39
CA PRO A 57 -35.50 -4.45 1.63
C PRO A 57 -36.87 -5.14 1.66
N GLY A 58 -37.79 -4.71 2.52
CA GLY A 58 -39.18 -5.16 2.49
C GLY A 58 -39.44 -6.55 3.06
N TYR A 59 -38.76 -6.90 4.15
CA TYR A 59 -39.02 -8.17 4.78
C TYR A 59 -40.48 -8.30 5.26
N TRP A 60 -41.10 -7.18 5.65
CA TRP A 60 -42.49 -7.21 6.15
C TRP A 60 -43.40 -7.87 5.12
N GLY A 61 -43.29 -7.47 3.87
CA GLY A 61 -44.09 -8.06 2.80
C GLY A 61 -43.48 -9.30 2.15
N ASN A 62 -42.14 -9.34 2.07
CA ASN A 62 -41.47 -10.34 1.24
C ASN A 62 -40.82 -11.47 2.01
N TYR A 63 -41.19 -11.62 3.29
CA TYR A 63 -40.56 -12.62 4.16
C TYR A 63 -40.53 -14.03 3.59
N LYS A 64 -41.58 -14.44 2.86
CA LYS A 64 -41.59 -15.79 2.28
C LYS A 64 -40.40 -16.03 1.33
N THR A 65 -40.09 -15.02 0.51
CA THR A 65 -38.91 -15.03 -0.37
C THR A 65 -37.59 -15.09 0.44
N PHE A 66 -37.46 -14.27 1.48
CA PHE A 66 -36.28 -14.33 2.35
C PHE A 66 -36.15 -15.77 2.84
N HIS A 67 -37.24 -16.32 3.35
CA HIS A 67 -37.22 -17.66 3.95
C HIS A 67 -36.91 -18.75 2.91
N ASP A 68 -37.44 -18.60 1.70
CA ASP A 68 -37.20 -19.52 0.57
C ASP A 68 -35.68 -19.62 0.31
N ASN A 69 -35.04 -18.46 0.26
CA ASN A 69 -33.61 -18.38 0.04
C ASN A 69 -32.79 -18.95 1.17
N ALA A 70 -33.16 -18.60 2.42
CA ALA A 70 -32.54 -19.20 3.59
C ALA A 70 -32.61 -20.73 3.60
N GLN A 71 -33.78 -21.27 3.27
CA GLN A 71 -33.99 -22.72 3.16
C GLN A 71 -33.11 -23.35 2.08
N LYS A 72 -33.09 -22.74 0.89
CA LYS A 72 -32.22 -23.21 -0.21
C LYS A 72 -30.74 -23.17 0.19
N MET A 73 -30.40 -22.23 1.06
CA MET A 73 -29.03 -22.06 1.53
C MET A 73 -28.64 -23.07 2.61
N GLY A 74 -29.62 -23.86 3.06
CA GLY A 74 -29.39 -24.91 4.06
C GLY A 74 -29.35 -24.40 5.50
N LEU A 75 -29.88 -23.21 5.72
CA LEU A 75 -29.84 -22.60 7.05
C LEU A 75 -30.83 -23.26 8.01
N LYS A 76 -30.45 -23.37 9.27
CA LYS A 76 -31.25 -24.07 10.26
C LYS A 76 -31.59 -23.24 11.51
N ILE A 77 -31.16 -21.98 11.53
CA ILE A 77 -31.43 -21.09 12.68
C ILE A 77 -31.60 -19.63 12.20
N ALA A 78 -32.47 -18.89 12.89
CA ALA A 78 -32.66 -17.47 12.60
C ALA A 78 -32.88 -16.73 13.89
N ARG A 79 -32.33 -15.53 13.95
CA ARG A 79 -32.62 -14.65 15.06
C ARG A 79 -33.09 -13.31 14.52
N LEU A 80 -34.25 -12.87 14.99
CA LEU A 80 -34.90 -11.65 14.57
C LEU A 80 -35.49 -11.02 15.81
N ASN A 81 -35.97 -9.80 15.68
CA ASN A 81 -36.69 -9.15 16.77
C ASN A 81 -38.08 -8.72 16.32
N VAL A 82 -38.99 -8.59 17.29
CA VAL A 82 -40.22 -7.80 17.13
C VAL A 82 -39.90 -6.34 17.43
N GLU A 83 -40.53 -5.42 16.69
CA GLU A 83 -40.43 -4.00 16.99
C GLU A 83 -41.54 -3.59 17.99
N TRP A 84 -41.13 -3.27 19.21
CA TRP A 84 -41.97 -2.73 20.28
C TRP A 84 -43.02 -1.75 19.75
N SER A 85 -42.54 -0.74 19.01
CA SER A 85 -43.35 0.30 18.40
C SER A 85 -44.53 -0.21 17.55
N ARG A 86 -44.35 -1.35 16.90
CA ARG A 86 -45.41 -1.92 16.06
C ARG A 86 -46.55 -2.47 16.92
N ILE A 87 -46.20 -3.12 18.03
CA ILE A 87 -47.16 -3.78 18.91
C ILE A 87 -47.87 -2.76 19.82
N PHE A 88 -47.10 -1.76 20.29
CA PHE A 88 -47.64 -0.69 21.14
C PHE A 88 -47.27 0.69 20.63
N PRO A 89 -47.93 1.13 19.56
CA PRO A 89 -47.63 2.43 18.95
C PRO A 89 -48.14 3.62 19.78
N ASN A 90 -49.10 3.36 20.67
CA ASN A 90 -49.73 4.40 21.49
C ASN A 90 -49.29 4.30 22.95
N PRO A 91 -49.20 5.42 23.65
CA PRO A 91 -48.83 5.42 25.08
C PRO A 91 -49.73 4.54 25.98
N LEU A 92 -49.09 3.89 26.95
CA LEU A 92 -49.77 3.03 27.88
C LEU A 92 -50.06 3.89 29.10
N PRO A 93 -51.13 3.59 29.85
CA PRO A 93 -51.40 4.36 31.07
C PRO A 93 -50.25 4.18 32.06
N ARG A 94 -49.88 5.28 32.71
CA ARG A 94 -48.89 5.28 33.79
C ARG A 94 -49.32 4.35 34.91
N PRO A 95 -48.38 3.56 35.41
CA PRO A 95 -48.65 2.46 36.36
C PRO A 95 -48.94 2.92 37.79
N PHE A 98 -45.81 2.76 41.28
CA PHE A 98 -44.50 2.97 40.65
C PHE A 98 -43.97 4.39 40.81
N ASP A 99 -42.82 4.51 41.47
CA ASP A 99 -42.20 5.80 41.74
C ASP A 99 -41.00 6.08 40.79
N GLU A 100 -41.18 7.05 39.90
CA GLU A 100 -40.19 7.33 38.84
C GLU A 100 -38.87 7.92 39.33
N SER A 101 -38.86 8.46 40.55
CA SER A 101 -37.64 9.05 41.11
C SER A 101 -36.71 8.00 41.76
N LYS A 102 -37.22 6.80 41.98
CA LYS A 102 -36.44 5.67 42.50
C LYS A 102 -35.41 5.19 41.46
N GLN A 103 -34.16 5.11 41.89
CA GLN A 103 -33.01 4.73 41.05
C GLN A 103 -33.11 3.28 40.57
N ASP A 104 -33.41 2.38 41.50
CA ASP A 104 -33.45 0.95 41.22
C ASP A 104 -34.85 0.44 40.89
N VAL A 105 -34.89 -0.49 39.95
CA VAL A 105 -36.11 -1.20 39.62
C VAL A 105 -35.79 -2.66 39.89
N THR A 106 -36.17 -3.14 41.09
CA THR A 106 -35.83 -4.49 41.56
C THR A 106 -36.87 -5.53 41.21
N GLU A 107 -38.10 -5.08 40.95
CA GLU A 107 -39.20 -6.00 40.67
C GLU A 107 -40.22 -5.32 39.76
N VAL A 108 -40.74 -6.08 38.80
CA VAL A 108 -41.86 -5.63 38.01
C VAL A 108 -42.90 -6.74 38.05
N GLU A 109 -44.01 -6.47 38.73
CA GLU A 109 -45.03 -7.50 38.93
C GLU A 109 -45.79 -7.72 37.64
N ILE A 110 -45.73 -8.94 37.15
CA ILE A 110 -46.45 -9.32 35.94
C ILE A 110 -47.37 -10.50 36.26
N ASN A 111 -48.64 -10.43 35.89
CA ASN A 111 -49.49 -11.61 36.01
C ASN A 111 -50.49 -11.67 34.89
N GLU A 112 -51.24 -12.77 34.86
CA GLU A 112 -52.22 -13.01 33.81
C GLU A 112 -53.20 -11.87 33.57
N ASN A 113 -53.73 -11.26 34.63
CA ASN A 113 -54.66 -10.13 34.48
C ASN A 113 -53.98 -8.92 33.85
N GLU A 114 -52.76 -8.63 34.31
CA GLU A 114 -51.99 -7.50 33.79
C GLU A 114 -51.71 -7.67 32.28
N LEU A 115 -51.41 -8.90 31.88
CA LEU A 115 -51.16 -9.25 30.49
C LEU A 115 -52.42 -9.16 29.62
N LYS A 116 -53.57 -9.54 30.18
CA LYS A 116 -54.84 -9.34 29.47
C LYS A 116 -55.16 -7.85 29.31
N ARG A 117 -54.76 -7.03 30.28
CA ARG A 117 -54.98 -5.58 30.19
C ARG A 117 -54.10 -4.98 29.10
N LEU A 118 -52.86 -5.44 29.03
CA LEU A 118 -51.92 -4.99 28.01
C LEU A 118 -52.43 -5.39 26.65
N ASP A 119 -53.00 -6.58 26.61
CA ASP A 119 -53.61 -7.09 25.41
C ASP A 119 -54.56 -6.10 24.73
N GLU A 120 -55.19 -5.21 25.50
CA GLU A 120 -56.20 -4.31 24.94
C GLU A 120 -55.61 -3.06 24.28
N TYR A 121 -54.34 -2.80 24.57
CA TYR A 121 -53.63 -1.71 23.91
C TYR A 121 -52.82 -2.17 22.68
N ALA A 122 -52.67 -3.47 22.52
CA ALA A 122 -51.77 -4.03 21.49
C ALA A 122 -52.34 -3.93 20.08
N ASN A 123 -51.50 -3.66 19.09
CA ASN A 123 -51.99 -3.68 17.72
C ASN A 123 -52.12 -5.11 17.22
N LYS A 124 -53.36 -5.54 16.98
CA LYS A 124 -53.62 -6.93 16.62
C LYS A 124 -53.14 -7.27 15.19
N ASP A 125 -53.19 -6.28 14.30
CA ASP A 125 -52.70 -6.47 12.93
C ASP A 125 -51.19 -6.77 12.93
N ALA A 126 -50.45 -6.00 13.73
CA ALA A 126 -49.00 -6.19 13.91
C ALA A 126 -48.69 -7.56 14.51
N LEU A 127 -49.36 -7.91 15.60
CA LEU A 127 -49.21 -9.23 16.21
C LEU A 127 -49.53 -10.38 15.26
N ASN A 128 -50.63 -10.28 14.51
CA ASN A 128 -51.02 -11.34 13.59
C ASN A 128 -49.98 -11.49 12.45
N HIS A 129 -49.50 -10.36 11.95
CA HIS A 129 -48.51 -10.37 10.89
C HIS A 129 -47.21 -11.06 11.34
N TYR A 130 -46.68 -10.64 12.48
CA TYR A 130 -45.52 -11.32 13.07
C TYR A 130 -45.76 -12.82 13.25
N ARG A 131 -46.96 -13.19 13.71
CA ARG A 131 -47.27 -14.61 13.82
C ARG A 131 -47.17 -15.30 12.45
N GLU A 132 -47.63 -14.63 11.40
CA GLU A 132 -47.57 -15.20 10.06
C GLU A 132 -46.10 -15.34 9.61
N ILE A 133 -45.27 -14.34 9.91
CA ILE A 133 -43.85 -14.38 9.55
C ILE A 133 -43.16 -15.54 10.28
N PHE A 134 -43.35 -15.60 11.59
CA PHE A 134 -42.70 -16.61 12.42
C PHE A 134 -43.18 -18.03 12.13
N LYS A 135 -44.44 -18.19 11.76
CA LYS A 135 -44.94 -19.53 11.42
C LYS A 135 -44.25 -20.02 10.14
N ASP A 136 -44.15 -19.13 9.17
CA ASP A 136 -43.52 -19.44 7.90
C ASP A 136 -42.05 -19.77 8.14
N LEU A 137 -41.42 -19.02 9.05
CA LEU A 137 -40.05 -19.29 9.47
C LEU A 137 -39.90 -20.71 10.01
N LYS A 138 -40.74 -21.07 10.97
CA LYS A 138 -40.67 -22.40 11.58
C LYS A 138 -40.94 -23.52 10.57
N SER A 139 -41.77 -23.24 9.56
CA SER A 139 -42.13 -24.22 8.55
C SER A 139 -40.95 -24.59 7.65
N ARG A 140 -39.91 -23.77 7.63
CA ARG A 140 -38.72 -24.11 6.85
C ARG A 140 -37.70 -24.93 7.67
N GLY A 141 -38.08 -25.31 8.89
CA GLY A 141 -37.19 -26.03 9.79
C GLY A 141 -36.15 -25.14 10.47
N LEU A 142 -36.43 -23.84 10.54
CA LEU A 142 -35.53 -22.92 11.21
C LEU A 142 -35.81 -22.86 12.73
N TYR A 143 -34.80 -23.18 13.52
CA TYR A 143 -34.78 -22.93 14.96
C TYR A 143 -34.82 -21.40 15.14
N PHE A 144 -35.59 -20.93 16.11
CA PHE A 144 -35.97 -19.52 16.22
C PHE A 144 -35.51 -18.89 17.53
N ILE A 145 -34.57 -17.95 17.44
CA ILE A 145 -34.19 -17.11 18.57
C ILE A 145 -34.94 -15.79 18.41
N LEU A 146 -35.86 -15.51 19.34
CA LEU A 146 -36.58 -14.23 19.30
C LEU A 146 -35.93 -13.25 20.24
N ASN A 147 -35.48 -12.13 19.68
CA ASN A 147 -34.94 -11.01 20.42
C ASN A 147 -36.05 -9.97 20.67
N MET A 148 -36.09 -9.39 21.86
CA MET A 148 -37.14 -8.41 22.16
C MET A 148 -36.85 -6.99 21.68
N TYR A 149 -35.58 -6.64 21.55
CA TYR A 149 -35.20 -5.24 21.39
C TYR A 149 -33.92 -5.08 20.53
N HIS A 150 -33.99 -4.29 19.47
CA HIS A 150 -32.83 -4.02 18.62
C HIS A 150 -32.79 -2.54 18.21
N TRP A 151 -32.98 -1.70 19.25
CA TRP A 151 -32.61 -0.28 19.30
C TRP A 151 -33.75 0.76 19.24
N PRO A 152 -34.62 0.73 18.23
CA PRO A 152 -35.71 1.73 18.21
C PRO A 152 -36.66 1.50 19.38
N LEU A 153 -37.04 2.61 20.01
CA LEU A 153 -38.04 2.66 21.06
C LEU A 153 -39.31 3.35 20.51
N PRO A 154 -40.49 2.99 21.02
CA PRO A 154 -41.69 3.77 20.69
C PRO A 154 -41.44 5.23 20.99
N LEU A 155 -41.94 6.10 20.12
CA LEU A 155 -41.78 7.53 20.27
C LEU A 155 -42.41 7.98 21.59
N TRP A 156 -43.42 7.25 22.08
CA TRP A 156 -44.09 7.67 23.32
C TRP A 156 -43.19 7.41 24.52
N LEU A 157 -42.12 6.63 24.32
CA LEU A 157 -41.10 6.42 25.36
C LEU A 157 -39.83 7.24 25.15
N HIS A 158 -39.59 7.73 23.94
CA HIS A 158 -38.39 8.54 23.65
C HIS A 158 -38.56 9.47 22.48
N ASP A 159 -38.54 10.78 22.73
CA ASP A 159 -38.48 11.76 21.65
C ASP A 159 -37.05 12.23 21.64
N PRO A 160 -36.27 11.73 20.66
CA PRO A 160 -34.82 11.93 20.65
C PRO A 160 -34.41 13.32 20.24
N ILE A 161 -35.24 14.03 19.48
CA ILE A 161 -34.88 15.36 19.07
C ILE A 161 -34.95 16.33 20.27
N ARG A 162 -36.00 16.20 21.09
CA ARG A 162 -36.08 17.00 22.36
C ARG A 162 -34.83 16.82 23.21
N VAL A 163 -34.44 15.57 23.42
CA VAL A 163 -33.24 15.25 24.18
C VAL A 163 -31.94 15.77 23.52
N ARG A 164 -31.80 15.57 22.19
CA ARG A 164 -30.65 16.15 21.50
C ARG A 164 -30.49 17.66 21.80
N ARG A 165 -31.62 18.35 21.82
CA ARG A 165 -31.68 19.79 22.09
C ARG A 165 -31.45 20.15 23.58
N GLY A 166 -31.29 19.14 24.43
CA GLY A 166 -30.98 19.43 25.83
C GLY A 166 -32.20 19.61 26.71
N ASP A 167 -33.35 19.15 26.22
CA ASP A 167 -34.62 19.25 26.92
C ASP A 167 -34.95 17.90 27.49
N PHE A 168 -34.89 17.80 28.82
CA PHE A 168 -35.17 16.53 29.49
C PHE A 168 -36.57 16.36 30.16
N THR A 169 -37.52 17.17 29.73
CA THR A 169 -38.88 17.15 30.31
C THR A 169 -39.81 16.19 29.59
N GLY A 170 -39.34 15.61 28.47
CA GLY A 170 -40.16 14.73 27.65
C GLY A 170 -39.80 13.26 27.85
N PRO A 171 -40.36 12.38 27.01
CA PRO A 171 -40.04 10.95 27.07
C PRO A 171 -38.55 10.78 26.76
N SER A 172 -37.82 10.18 27.69
CA SER A 172 -36.37 10.31 27.71
C SER A 172 -35.64 8.98 27.47
N GLY A 173 -36.37 8.01 26.94
CA GLY A 173 -35.79 6.72 26.56
C GLY A 173 -35.12 5.98 27.71
N TRP A 174 -33.89 5.49 27.49
CA TRP A 174 -33.20 4.75 28.55
C TRP A 174 -32.77 5.59 29.76
N LEU A 175 -32.98 6.90 29.69
CA LEU A 175 -32.69 7.75 30.85
C LEU A 175 -33.82 7.67 31.90
N SER A 176 -34.90 6.96 31.59
CA SER A 176 -36.08 6.93 32.46
C SER A 176 -36.38 5.52 32.92
N THR A 177 -36.63 5.34 34.22
CA THR A 177 -37.09 4.04 34.70
C THR A 177 -38.46 3.64 34.15
N ARG A 178 -39.27 4.59 33.65
CA ARG A 178 -40.52 4.22 32.98
C ARG A 178 -40.23 3.27 31.80
N THR A 179 -39.15 3.55 31.06
CA THR A 179 -38.78 2.69 29.96
C THR A 179 -38.43 1.29 30.48
N VAL A 180 -37.75 1.23 31.62
CA VAL A 180 -37.35 -0.04 32.20
C VAL A 180 -38.58 -0.85 32.56
N TYR A 181 -39.51 -0.19 33.24
CA TYR A 181 -40.75 -0.83 33.66
C TYR A 181 -41.51 -1.37 32.45
N GLU A 182 -41.73 -0.52 31.43
CA GLU A 182 -42.50 -0.93 30.26
C GLU A 182 -41.79 -2.01 29.43
N PHE A 183 -40.46 -2.00 29.42
CA PHE A 183 -39.71 -3.03 28.68
C PHE A 183 -39.91 -4.41 29.27
N ALA A 184 -39.87 -4.47 30.60
CA ALA A 184 -40.11 -5.75 31.29
C ALA A 184 -41.48 -6.32 30.95
N ARG A 185 -42.48 -5.44 30.90
CA ARG A 185 -43.84 -5.86 30.57
C ARG A 185 -43.98 -6.24 29.11
N PHE A 186 -43.36 -5.44 28.23
CA PHE A 186 -43.36 -5.76 26.81
C PHE A 186 -42.80 -7.15 26.58
N SER A 187 -41.69 -7.44 27.26
CA SER A 187 -41.00 -8.72 27.06
C SER A 187 -41.85 -9.88 27.52
N ALA A 188 -42.42 -9.76 28.72
CA ALA A 188 -43.34 -10.77 29.24
C ALA A 188 -44.48 -10.99 28.27
N TYR A 189 -45.05 -9.90 27.74
CA TYR A 189 -46.19 -9.95 26.86
C TYR A 189 -45.87 -10.70 25.56
N ILE A 190 -44.72 -10.39 24.95
CA ILE A 190 -44.33 -11.04 23.71
C ILE A 190 -44.09 -12.52 23.93
N ALA A 191 -43.40 -12.87 25.01
CA ALA A 191 -43.20 -14.27 25.32
C ALA A 191 -44.56 -14.96 25.51
N TRP A 192 -45.48 -14.29 26.17
CA TRP A 192 -46.82 -14.82 26.41
C TRP A 192 -47.50 -15.11 25.07
N LYS A 193 -47.38 -14.19 24.13
CA LYS A 193 -48.03 -14.33 22.84
C LYS A 193 -47.35 -15.34 21.92
N PHE A 194 -46.02 -15.45 21.98
CA PHE A 194 -45.28 -16.18 20.94
C PHE A 194 -44.53 -17.44 21.39
N ASP A 195 -44.61 -17.78 22.67
CA ASP A 195 -43.86 -18.89 23.24
C ASP A 195 -44.01 -20.23 22.50
N ASP A 196 -45.16 -20.44 21.86
CA ASP A 196 -45.37 -21.65 21.05
C ASP A 196 -44.47 -21.73 19.80
N LEU A 197 -43.98 -20.58 19.33
CA LEU A 197 -43.17 -20.53 18.11
C LEU A 197 -41.67 -20.39 18.41
N VAL A 198 -41.34 -19.86 19.58
CA VAL A 198 -39.97 -19.48 19.94
C VAL A 198 -39.19 -20.66 20.51
N ASP A 199 -37.90 -20.75 20.16
CA ASP A 199 -37.04 -21.77 20.72
C ASP A 199 -36.18 -21.24 21.86
N GLU A 200 -35.55 -20.08 21.65
CA GLU A 200 -34.81 -19.36 22.69
C GLU A 200 -35.07 -17.86 22.59
N TYR A 201 -34.86 -17.14 23.70
CA TYR A 201 -35.10 -15.69 23.72
C TYR A 201 -33.80 -14.94 23.94
N SER A 202 -33.75 -13.74 23.37
CA SER A 202 -32.79 -12.76 23.77
C SER A 202 -33.59 -11.56 24.23
N THR A 203 -33.14 -10.89 25.28
CA THR A 203 -33.83 -9.67 25.69
C THR A 203 -33.52 -8.50 24.76
N MET A 204 -32.23 -8.32 24.48
CA MET A 204 -31.77 -7.13 23.76
C MET A 204 -30.61 -7.44 22.85
N ASN A 205 -30.40 -6.56 21.88
CA ASN A 205 -29.24 -6.61 20.99
C ASN A 205 -28.32 -5.45 21.30
N GLU A 206 -27.07 -5.73 21.67
CA GLU A 206 -26.03 -4.68 21.81
C GLU A 206 -26.43 -3.43 22.59
N PRO A 207 -26.83 -3.62 23.86
CA PRO A 207 -27.18 -2.47 24.72
C PRO A 207 -26.00 -1.52 24.92
N ASN A 208 -24.77 -2.06 24.88
CA ASN A 208 -23.56 -1.21 24.98
C ASN A 208 -23.42 -0.18 23.84
N VAL A 209 -23.88 -0.55 22.66
CA VAL A 209 -23.85 0.39 21.53
C VAL A 209 -24.92 1.49 21.71
N VAL A 210 -26.11 1.09 22.16
CA VAL A 210 -27.17 2.08 22.40
C VAL A 210 -26.70 3.17 23.34
N GLY A 211 -26.14 2.78 24.49
CA GLY A 211 -25.69 3.76 25.46
C GLY A 211 -24.42 4.48 25.07
N GLY A 212 -23.51 3.74 24.43
CA GLY A 212 -22.21 4.27 24.06
C GLY A 212 -22.30 5.27 22.93
N LEU A 213 -22.96 4.90 21.83
CA LEU A 213 -23.05 5.82 20.70
C LEU A 213 -24.15 6.88 20.91
N GLY A 214 -25.20 6.54 21.65
CA GLY A 214 -26.23 7.50 21.97
C GLY A 214 -25.79 8.70 22.78
N TYR A 215 -24.85 8.51 23.69
CA TYR A 215 -24.46 9.55 24.66
C TYR A 215 -22.97 9.91 24.72
N VAL A 216 -22.13 9.20 23.97
CA VAL A 216 -20.69 9.53 23.91
C VAL A 216 -20.17 9.64 22.46
N GLY A 217 -20.31 8.56 21.70
CA GLY A 217 -19.88 8.58 20.30
C GLY A 217 -20.85 9.34 19.42
N VAL A 218 -21.07 10.64 19.68
CA VAL A 218 -22.13 11.39 19.03
C VAL A 218 -21.90 11.66 17.52
N LYS A 219 -20.68 11.51 17.06
CA LYS A 219 -20.41 11.65 15.64
C LYS A 219 -21.01 10.49 14.86
N SER A 220 -21.34 9.38 15.54
CA SER A 220 -22.01 8.27 14.89
C SER A 220 -23.45 8.52 14.43
N GLY A 221 -24.05 9.61 14.89
CA GLY A 221 -25.42 9.93 14.54
C GLY A 221 -26.44 8.95 15.06
N PHE A 222 -26.24 8.48 16.29
CA PHE A 222 -27.22 7.62 16.97
C PHE A 222 -28.05 8.49 17.93
N PRO A 223 -29.35 8.21 18.06
CA PRO A 223 -30.21 8.99 18.96
C PRO A 223 -29.92 8.68 20.44
N PRO A 224 -30.08 9.65 21.34
CA PRO A 224 -30.49 11.02 20.98
C PRO A 224 -29.30 11.94 20.72
N GLY A 225 -28.09 11.39 20.63
CA GLY A 225 -26.94 12.20 20.28
C GLY A 225 -26.64 13.35 21.24
N TYR A 226 -26.81 13.09 22.54
CA TYR A 226 -26.57 14.10 23.56
C TYR A 226 -25.32 13.69 24.30
N LEU A 227 -24.27 14.50 24.19
CA LEU A 227 -22.97 14.09 24.66
C LEU A 227 -22.88 14.28 26.18
N SER A 228 -22.77 13.17 26.90
CA SER A 228 -22.72 13.19 28.38
C SER A 228 -22.22 11.86 28.94
N PHE A 229 -21.04 11.90 29.56
CA PHE A 229 -20.57 10.70 30.28
C PHE A 229 -21.61 10.25 31.31
N GLU A 230 -22.10 11.21 32.08
CA GLU A 230 -23.06 10.96 33.17
C GLU A 230 -24.29 10.28 32.63
N LEU A 231 -24.90 10.85 31.58
CA LEU A 231 -26.10 10.24 31.02
C LEU A 231 -25.85 8.88 30.35
N SER A 232 -24.68 8.70 29.76
CA SER A 232 -24.35 7.37 29.22
C SER A 232 -24.36 6.28 30.32
N ARG A 233 -23.72 6.60 31.45
CA ARG A 233 -23.75 5.71 32.63
C ARG A 233 -25.18 5.43 33.12
N ARG A 234 -26.02 6.47 33.21
CA ARG A 234 -27.42 6.34 33.63
C ARG A 234 -28.18 5.43 32.66
N ALA A 235 -27.99 5.65 31.35
CA ALA A 235 -28.62 4.80 30.34
C ALA A 235 -28.22 3.35 30.50
N MET A 236 -26.93 3.11 30.71
CA MET A 236 -26.46 1.72 30.82
C MET A 236 -26.97 1.08 32.11
N TYR A 237 -26.98 1.85 33.19
CA TYR A 237 -27.55 1.35 34.45
C TYR A 237 -28.99 0.89 34.26
N ASN A 238 -29.82 1.72 33.59
CA ASN A 238 -31.20 1.38 33.31
C ASN A 238 -31.37 0.17 32.42
N ILE A 239 -30.57 0.09 31.33
CA ILE A 239 -30.67 -1.02 30.43
C ILE A 239 -30.28 -2.35 31.11
N ILE A 240 -29.31 -2.30 32.02
CA ILE A 240 -28.96 -3.48 32.80
C ILE A 240 -30.17 -3.96 33.62
N GLN A 241 -30.80 -3.06 34.37
CA GLN A 241 -31.98 -3.48 35.13
C GLN A 241 -33.13 -3.86 34.22
N ALA A 242 -33.21 -3.23 33.05
CA ALA A 242 -34.25 -3.61 32.10
C ALA A 242 -34.01 -5.04 31.66
N HIS A 243 -32.75 -5.39 31.45
CA HIS A 243 -32.51 -6.75 31.01
C HIS A 243 -32.95 -7.75 32.09
N ALA A 244 -32.52 -7.50 33.33
CA ALA A 244 -32.87 -8.40 34.45
C ALA A 244 -34.41 -8.51 34.65
N ARG A 245 -35.13 -7.39 34.58
CA ARG A 245 -36.59 -7.40 34.73
C ARG A 245 -37.28 -8.11 33.55
N ALA A 246 -36.76 -7.91 32.34
CA ALA A 246 -37.25 -8.65 31.17
C ALA A 246 -37.00 -10.15 31.30
N TYR A 247 -35.84 -10.52 31.81
CA TYR A 247 -35.55 -11.93 32.06
C TYR A 247 -36.62 -12.53 33.00
N ASP A 248 -36.91 -11.85 34.11
CA ASP A 248 -37.87 -12.36 35.10
C ASP A 248 -39.26 -12.43 34.52
N GLY A 249 -39.60 -11.43 33.71
CA GLY A 249 -40.90 -11.32 33.07
C GLY A 249 -41.12 -12.44 32.07
N ILE A 250 -40.11 -12.70 31.25
CA ILE A 250 -40.18 -13.81 30.33
C ILE A 250 -40.32 -15.14 31.09
N LYS A 251 -39.48 -15.33 32.10
CA LYS A 251 -39.48 -16.58 32.87
C LYS A 251 -40.78 -16.79 33.68
N SER A 252 -41.54 -15.73 33.93
CA SER A 252 -42.81 -15.87 34.62
C SER A 252 -43.85 -16.52 33.69
N VAL A 253 -43.50 -16.62 32.41
CA VAL A 253 -44.44 -17.00 31.38
C VAL A 253 -43.88 -18.14 30.50
N SER A 254 -42.59 -18.44 30.62
CA SER A 254 -41.95 -19.43 29.77
C SER A 254 -40.80 -20.12 30.50
N LYS A 255 -40.53 -21.37 30.14
CA LYS A 255 -39.40 -22.12 30.70
C LYS A 255 -38.17 -22.10 29.76
N LYS A 256 -38.31 -21.47 28.60
CA LYS A 256 -37.25 -21.47 27.56
C LYS A 256 -36.05 -20.58 27.90
N PRO A 257 -34.87 -20.88 27.33
CA PRO A 257 -33.64 -20.15 27.65
C PRO A 257 -33.75 -18.68 27.27
N VAL A 258 -33.22 -17.81 28.14
CA VAL A 258 -33.25 -16.38 27.93
C VAL A 258 -31.82 -15.89 28.01
N GLY A 259 -31.35 -15.27 26.91
CA GLY A 259 -30.01 -14.69 26.88
C GLY A 259 -29.97 -13.21 26.56
N ILE A 260 -28.79 -12.76 26.13
CA ILE A 260 -28.59 -11.38 25.69
C ILE A 260 -27.52 -11.37 24.57
N ILE A 261 -27.64 -10.39 23.67
CA ILE A 261 -26.72 -10.27 22.55
C ILE A 261 -25.94 -8.98 22.72
N TYR A 262 -24.62 -9.04 22.59
CA TYR A 262 -23.75 -7.94 22.99
C TYR A 262 -22.65 -7.68 21.95
N ALA A 263 -22.22 -6.43 21.78
CA ALA A 263 -21.20 -6.04 20.79
C ALA A 263 -19.83 -6.26 21.38
N ASN A 264 -18.97 -6.96 20.66
CA ASN A 264 -17.61 -7.25 21.15
C ASN A 264 -16.56 -6.87 20.14
N SER A 265 -15.41 -6.47 20.66
CA SER A 265 -14.17 -6.38 19.92
C SER A 265 -13.18 -7.30 20.63
N SER A 266 -12.18 -7.78 19.92
CA SER A 266 -11.08 -8.48 20.57
C SER A 266 -9.99 -7.48 20.88
N PHE A 267 -9.74 -7.28 22.17
CA PHE A 267 -8.76 -6.31 22.62
C PHE A 267 -7.38 -6.93 22.50
N GLN A 268 -6.50 -6.21 21.78
CA GLN A 268 -5.17 -6.70 21.41
C GLN A 268 -4.13 -5.69 21.79
N PRO A 269 -3.00 -6.17 22.31
CA PRO A 269 -1.92 -5.28 22.76
C PRO A 269 -1.09 -4.72 21.60
N LEU A 270 -0.79 -3.43 21.63
CA LEU A 270 0.07 -2.86 20.60
C LEU A 270 1.47 -3.51 20.65
N THR A 271 2.08 -3.54 21.85
CA THR A 271 3.37 -4.21 22.08
C THR A 271 3.20 -5.21 23.21
N ASP A 272 4.22 -6.04 23.44
CA ASP A 272 4.17 -6.99 24.55
C ASP A 272 4.09 -6.34 25.94
N LYS A 273 4.28 -5.02 26.00
CA LYS A 273 4.16 -4.25 27.25
C LYS A 273 2.71 -3.83 27.58
N ASP A 274 1.75 -4.25 26.76
CA ASP A 274 0.38 -3.71 26.84
C ASP A 274 -0.68 -4.71 27.26
N MET A 275 -0.25 -5.83 27.84
CA MET A 275 -1.15 -6.88 28.31
C MET A 275 -2.12 -6.39 29.39
N GLU A 276 -1.64 -5.54 30.29
CA GLU A 276 -2.50 -4.93 31.30
C GLU A 276 -3.55 -4.01 30.69
N ALA A 277 -3.16 -3.27 29.65
CA ALA A 277 -4.10 -2.45 28.91
C ALA A 277 -5.27 -3.26 28.35
N VAL A 278 -4.97 -4.45 27.83
CA VAL A 278 -5.99 -5.34 27.30
C VAL A 278 -6.99 -5.71 28.39
N GLU A 279 -6.48 -6.12 29.55
CA GLU A 279 -7.35 -6.53 30.65
C GLU A 279 -8.24 -5.38 31.14
N MET A 280 -7.69 -4.19 31.25
CA MET A 280 -8.45 -2.99 31.62
C MET A 280 -9.54 -2.67 30.60
N ALA A 281 -9.19 -2.78 29.31
CA ALA A 281 -10.17 -2.61 28.24
C ALA A 281 -11.30 -3.64 28.33
N GLU A 282 -10.95 -4.90 28.60
CA GLU A 282 -11.94 -5.95 28.69
C GLU A 282 -12.89 -5.75 29.90
N ASN A 283 -12.31 -5.32 31.02
CA ASN A 283 -13.09 -4.90 32.20
C ASN A 283 -14.08 -3.79 31.84
N ASP A 284 -13.57 -2.71 31.23
CA ASP A 284 -14.37 -1.52 30.97
C ASP A 284 -15.43 -1.74 29.89
N ASN A 285 -15.17 -2.66 28.97
CA ASN A 285 -16.06 -2.77 27.81
C ASN A 285 -16.94 -4.00 27.84
N ARG A 286 -16.64 -4.96 28.70
CA ARG A 286 -17.29 -6.26 28.64
C ARG A 286 -17.67 -6.86 30.02
N TRP A 287 -16.67 -7.05 30.87
CA TRP A 287 -16.87 -7.74 32.13
C TRP A 287 -17.79 -7.00 33.11
N TRP A 288 -17.63 -5.68 33.19
CA TRP A 288 -18.45 -4.90 34.13
C TRP A 288 -19.92 -5.17 33.84
N PHE A 289 -20.26 -5.27 32.55
CA PHE A 289 -21.65 -5.47 32.16
C PHE A 289 -22.12 -6.90 32.50
N PHE A 290 -21.34 -7.88 32.09
CA PHE A 290 -21.73 -9.26 32.30
C PHE A 290 -21.62 -9.69 33.78
N ASP A 291 -20.69 -9.10 34.50
CA ASP A 291 -20.58 -9.35 35.95
C ASP A 291 -21.83 -8.84 36.65
N ALA A 292 -22.44 -7.77 36.12
CA ALA A 292 -23.69 -7.24 36.66
C ALA A 292 -24.87 -8.19 36.49
N ILE A 293 -25.08 -8.70 35.28
CA ILE A 293 -26.27 -9.49 35.01
C ILE A 293 -26.11 -10.98 35.30
N ILE A 294 -24.87 -11.43 35.47
CA ILE A 294 -24.60 -12.82 35.81
C ILE A 294 -24.32 -12.95 37.30
N ARG A 295 -23.51 -12.06 37.85
CA ARG A 295 -23.06 -12.19 39.24
C ARG A 295 -23.75 -11.18 40.17
N GLY A 296 -24.56 -10.29 39.59
CA GLY A 296 -25.18 -9.20 40.34
C GLY A 296 -24.25 -8.11 40.82
N GLU A 297 -22.99 -8.13 40.38
CA GLU A 297 -22.00 -7.13 40.82
C GLU A 297 -22.12 -5.79 40.07
N ILE A 298 -22.23 -4.68 40.81
CA ILE A 298 -22.39 -3.36 40.19
C ILE A 298 -21.80 -2.22 41.05
N THR A 299 -21.72 -1.03 40.46
CA THR A 299 -21.40 0.21 41.19
C THR A 299 -22.53 1.26 41.07
N LYS A 304 -19.20 -0.53 45.25
CA LYS A 304 -19.27 -1.86 44.62
C LYS A 304 -20.08 -2.89 45.42
N ILE A 305 -21.35 -3.09 45.03
CA ILE A 305 -22.27 -4.00 45.73
C ILE A 305 -22.74 -5.21 44.91
N VAL A 306 -23.50 -6.09 45.56
CA VAL A 306 -24.17 -7.20 44.88
C VAL A 306 -25.69 -7.00 44.98
N ARG A 307 -26.38 -6.93 43.84
CA ARG A 307 -27.82 -6.82 43.82
C ARG A 307 -28.41 -8.19 43.55
N ASP A 308 -29.20 -8.71 44.48
CA ASP A 308 -29.79 -10.04 44.35
C ASP A 308 -30.82 -10.11 43.21
N ASP A 309 -31.41 -8.97 42.89
CA ASP A 309 -32.35 -8.91 41.79
C ASP A 309 -31.65 -8.92 40.40
N LEU A 310 -30.34 -8.73 40.38
CA LEU A 310 -29.55 -8.78 39.14
C LEU A 310 -28.86 -10.10 38.92
N LYS A 311 -28.43 -10.74 40.01
CA LYS A 311 -27.68 -11.98 39.96
C LYS A 311 -28.40 -13.09 39.18
N GLY A 312 -27.64 -13.79 38.33
CA GLY A 312 -28.14 -14.99 37.65
C GLY A 312 -29.20 -14.81 36.57
N ARG A 313 -29.35 -13.59 36.06
CA ARG A 313 -30.36 -13.35 35.03
C ARG A 313 -29.80 -13.57 33.61
N LEU A 314 -29.28 -14.76 33.33
CA LEU A 314 -28.74 -15.09 32.02
C LEU A 314 -28.49 -16.56 31.83
N ASP A 315 -29.02 -17.13 30.75
CA ASP A 315 -28.87 -18.54 30.41
C ASP A 315 -27.85 -18.75 29.31
N TRP A 316 -27.69 -17.75 28.44
CA TRP A 316 -26.76 -17.85 27.30
C TRP A 316 -26.24 -16.50 26.83
N ILE A 317 -25.13 -16.51 26.08
CA ILE A 317 -24.49 -15.28 25.63
C ILE A 317 -24.43 -15.24 24.12
N GLY A 318 -24.99 -14.18 23.54
CA GLY A 318 -24.87 -13.96 22.11
C GLY A 318 -23.65 -13.12 21.84
N VAL A 319 -22.70 -13.69 21.10
CA VAL A 319 -21.44 -13.05 20.82
C VAL A 319 -21.50 -12.43 19.41
N ASN A 320 -21.49 -11.10 19.36
CA ASN A 320 -21.35 -10.38 18.10
C ASN A 320 -19.88 -10.01 18.00
N TYR A 321 -19.36 -10.03 16.79
CA TYR A 321 -17.92 -9.79 16.58
C TYR A 321 -17.68 -9.38 15.14
N TYR A 322 -16.89 -8.34 14.94
CA TYR A 322 -16.37 -7.99 13.60
C TYR A 322 -14.83 -7.95 13.50
N THR A 323 -14.16 -7.42 14.53
CA THR A 323 -12.75 -7.09 14.39
C THR A 323 -12.10 -6.84 15.76
N ARG A 324 -10.83 -6.48 15.76
CA ARG A 324 -10.11 -6.19 16.99
C ARG A 324 -10.16 -4.71 17.34
N THR A 325 -9.71 -4.39 18.56
CA THR A 325 -9.36 -3.04 18.95
C THR A 325 -7.95 -3.12 19.56
N VAL A 326 -7.03 -2.37 19.00
CA VAL A 326 -5.65 -2.39 19.48
C VAL A 326 -5.52 -1.33 20.59
N VAL A 327 -4.98 -1.72 21.73
CA VAL A 327 -4.85 -0.80 22.85
C VAL A 327 -3.40 -0.68 23.34
N LYS A 328 -3.06 0.47 23.90
CA LYS A 328 -1.76 0.63 24.54
C LYS A 328 -1.88 1.17 25.97
N ARG A 329 -0.92 0.78 26.82
CA ARG A 329 -0.84 1.24 28.20
C ARG A 329 -0.50 2.71 28.20
N THR A 330 -1.17 3.46 29.06
CA THR A 330 -0.95 4.88 29.17
C THR A 330 -0.66 5.23 30.63
N GLU A 331 -0.10 6.42 30.86
CA GLU A 331 0.13 6.97 32.20
C GLU A 331 -1.11 6.78 33.09
N LYS A 332 -2.23 7.36 32.65
CA LYS A 332 -3.48 7.36 33.40
C LYS A 332 -4.32 6.08 33.24
N GLY A 333 -4.00 5.26 32.24
CA GLY A 333 -4.78 4.06 31.96
C GLY A 333 -4.40 3.41 30.64
N TYR A 334 -5.29 3.52 29.66
CA TYR A 334 -5.07 2.94 28.33
C TYR A 334 -5.83 3.71 27.27
N VAL A 335 -5.36 3.60 26.02
CA VAL A 335 -6.05 4.17 24.87
C VAL A 335 -6.12 3.17 23.71
N SER A 336 -7.18 3.30 22.90
CA SER A 336 -7.36 2.57 21.65
C SER A 336 -6.63 3.28 20.53
N LEU A 337 -6.11 2.52 19.55
CA LEU A 337 -5.34 3.11 18.46
C LEU A 337 -6.08 3.17 17.13
N GLY A 338 -6.08 4.34 16.50
CA GLY A 338 -6.58 4.49 15.13
C GLY A 338 -5.71 3.69 14.15
N GLY A 339 -6.26 3.33 13.00
CA GLY A 339 -5.48 2.58 12.03
C GLY A 339 -5.54 1.06 12.18
N TYR A 340 -6.34 0.59 13.13
CA TYR A 340 -6.56 -0.83 13.36
C TYR A 340 -8.03 -1.02 13.69
N GLY A 341 -8.50 -2.28 13.62
CA GLY A 341 -9.84 -2.64 14.02
C GLY A 341 -10.90 -1.86 13.25
N HIS A 342 -11.83 -1.23 13.98
CA HIS A 342 -12.90 -0.47 13.34
C HIS A 342 -12.53 0.96 12.94
N GLY A 343 -11.33 1.38 13.30
CA GLY A 343 -10.89 2.74 13.01
C GLY A 343 -9.91 2.85 11.84
N CYS A 344 -10.19 2.15 10.74
CA CYS A 344 -9.36 2.24 9.53
C CYS A 344 -10.05 2.99 8.41
N GLU A 345 -9.29 3.28 7.36
CA GLU A 345 -9.84 3.84 6.16
C GLU A 345 -10.65 2.75 5.46
N ARG A 346 -11.74 3.16 4.80
CA ARG A 346 -12.57 2.25 4.04
C ARG A 346 -11.81 1.75 2.80
N ASN A 347 -11.99 0.46 2.47
CA ASN A 347 -11.43 -0.14 1.25
C ASN A 347 -9.95 0.18 1.14
N SER A 348 -9.22 -0.26 2.15
CA SER A 348 -7.82 0.05 2.17
C SER A 348 -7.13 -1.06 2.95
N VAL A 349 -6.12 -0.68 3.70
CA VAL A 349 -5.34 -1.63 4.48
C VAL A 349 -5.08 -0.95 5.85
N SER A 350 -5.03 -1.74 6.91
CA SER A 350 -4.76 -1.18 8.23
C SER A 350 -3.27 -0.88 8.40
N LEU A 351 -2.92 -0.32 9.55
CA LEU A 351 -1.51 -0.13 9.90
C LEU A 351 -0.72 -1.46 9.92
N ALA A 352 -1.40 -2.59 10.07
CA ALA A 352 -0.76 -3.89 10.08
C ALA A 352 -0.76 -4.56 8.69
N GLY A 353 -1.22 -3.85 7.66
CA GLY A 353 -1.26 -4.44 6.33
C GLY A 353 -2.43 -5.37 6.04
N LEU A 354 -3.43 -5.39 6.91
CA LEU A 354 -4.59 -6.26 6.74
C LEU A 354 -5.72 -5.49 6.00
N PRO A 355 -6.45 -6.16 5.12
CA PRO A 355 -7.46 -5.48 4.29
C PRO A 355 -8.63 -4.98 5.11
N THR A 356 -9.19 -3.82 4.73
CA THR A 356 -10.36 -3.29 5.43
C THR A 356 -11.61 -3.35 4.55
N SER A 357 -12.77 -3.36 5.21
CA SER A 357 -14.05 -3.49 4.56
C SER A 357 -14.55 -2.15 3.97
N ASP A 358 -15.72 -2.18 3.33
CA ASP A 358 -16.39 -0.97 2.85
C ASP A 358 -16.65 0.01 4.01
N PHE A 359 -16.67 -0.52 5.25
CA PHE A 359 -16.93 0.24 6.47
C PHE A 359 -15.61 0.66 7.16
N GLY A 360 -14.48 0.21 6.63
CA GLY A 360 -13.20 0.51 7.24
C GLY A 360 -12.85 -0.38 8.41
N TRP A 361 -13.35 -1.62 8.42
CA TRP A 361 -13.06 -2.53 9.52
C TRP A 361 -12.03 -3.58 9.10
N GLU A 362 -11.01 -3.74 9.93
CA GLU A 362 -9.86 -4.61 9.66
C GLU A 362 -10.19 -6.09 9.74
N PHE A 363 -9.66 -6.87 8.79
CA PHE A 363 -9.80 -8.33 8.76
C PHE A 363 -8.97 -8.96 9.91
N PHE A 364 -9.64 -9.58 10.89
CA PHE A 364 -8.94 -10.13 12.07
C PHE A 364 -9.73 -11.28 12.68
N PRO A 365 -9.85 -12.40 11.99
CA PRO A 365 -10.70 -13.49 12.46
C PRO A 365 -10.23 -14.10 13.77
N GLU A 366 -8.94 -14.03 14.06
CA GLU A 366 -8.36 -14.63 15.28
C GLU A 366 -9.06 -14.03 16.52
N GLY A 367 -9.46 -12.76 16.41
CA GLY A 367 -10.19 -12.13 17.50
C GLY A 367 -11.45 -12.85 17.97
N LEU A 368 -12.12 -13.58 17.07
CA LEU A 368 -13.36 -14.26 17.42
C LEU A 368 -13.06 -15.44 18.38
N TYR A 369 -11.96 -16.14 18.12
CA TYR A 369 -11.51 -17.22 19.00
C TYR A 369 -11.19 -16.64 20.36
N ASP A 370 -10.46 -15.52 20.38
CA ASP A 370 -10.15 -14.80 21.62
C ASP A 370 -11.47 -14.52 22.43
N VAL A 371 -12.43 -13.88 21.76
CA VAL A 371 -13.65 -13.46 22.43
C VAL A 371 -14.48 -14.66 22.94
N LEU A 372 -14.67 -15.69 22.12
CA LEU A 372 -15.45 -16.87 22.53
C LEU A 372 -14.84 -17.60 23.76
N THR A 373 -13.53 -17.80 23.71
CA THR A 373 -12.82 -18.50 24.79
C THR A 373 -12.72 -17.67 26.07
N LYS A 374 -12.56 -16.35 25.95
CA LYS A 374 -12.61 -15.50 27.14
C LYS A 374 -13.98 -15.54 27.85
N TYR A 375 -15.08 -15.51 27.09
CA TYR A 375 -16.41 -15.57 27.70
C TYR A 375 -16.60 -16.94 28.34
N TRP A 376 -16.22 -17.97 27.61
CA TRP A 376 -16.36 -19.33 28.08
C TRP A 376 -15.62 -19.55 29.40
N ASN A 377 -14.37 -19.12 29.46
CA ASN A 377 -13.54 -19.30 30.65
C ASN A 377 -14.01 -18.50 31.86
N ARG A 378 -14.68 -17.37 31.63
CA ARG A 378 -15.11 -16.57 32.75
C ARG A 378 -16.45 -17.08 33.31
N TYR A 379 -17.39 -17.44 32.43
CA TYR A 379 -18.76 -17.66 32.88
C TYR A 379 -19.31 -19.04 32.66
N HIS A 380 -18.70 -19.79 31.75
CA HIS A 380 -19.17 -21.12 31.38
C HIS A 380 -20.63 -21.20 31.00
N LEU A 381 -21.12 -20.16 30.31
CA LEU A 381 -22.44 -20.19 29.72
C LEU A 381 -22.29 -20.47 28.23
N TYR A 382 -23.18 -21.30 27.68
CA TYR A 382 -23.12 -21.56 26.24
C TYR A 382 -23.41 -20.29 25.42
N MET A 383 -22.91 -20.30 24.19
CA MET A 383 -22.94 -19.14 23.33
C MET A 383 -23.45 -19.48 21.95
N TYR A 384 -23.98 -18.46 21.28
CA TYR A 384 -24.20 -18.47 19.85
C TYR A 384 -23.37 -17.31 19.30
N VAL A 385 -22.78 -17.46 18.12
CA VAL A 385 -22.22 -16.28 17.46
C VAL A 385 -23.44 -15.69 16.79
N THR A 386 -23.97 -14.60 17.37
CA THR A 386 -25.21 -14.02 16.89
C THR A 386 -25.04 -12.96 15.81
N GLU A 387 -23.80 -12.54 15.58
CA GLU A 387 -23.58 -11.53 14.53
C GLU A 387 -22.13 -11.51 14.10
N ASN A 388 -21.91 -11.60 12.79
CA ASN A 388 -20.57 -11.63 12.22
C ASN A 388 -20.73 -11.50 10.72
N GLY A 389 -20.03 -10.57 10.12
CA GLY A 389 -20.10 -10.41 8.67
C GLY A 389 -19.29 -9.20 8.27
N ILE A 390 -19.53 -8.67 7.07
CA ILE A 390 -18.67 -7.65 6.51
C ILE A 390 -19.48 -6.79 5.53
N ALA A 391 -19.19 -5.50 5.54
CA ALA A 391 -19.77 -4.57 4.55
C ALA A 391 -18.93 -4.74 3.28
N ASP A 392 -19.55 -5.26 2.24
CA ASP A 392 -18.81 -5.68 1.04
C ASP A 392 -19.77 -5.87 -0.11
N ASP A 393 -20.13 -4.81 -0.82
CA ASP A 393 -21.13 -4.90 -1.90
C ASP A 393 -20.61 -5.78 -3.04
N ALA A 394 -19.31 -5.66 -3.33
CA ALA A 394 -18.68 -6.38 -4.45
C ALA A 394 -18.50 -7.89 -4.20
N ASP A 395 -18.52 -8.31 -2.94
CA ASP A 395 -18.25 -9.69 -2.50
C ASP A 395 -16.78 -10.11 -2.65
N TYR A 396 -15.85 -9.14 -2.69
CA TYR A 396 -14.43 -9.47 -2.87
C TYR A 396 -13.88 -10.21 -1.65
N GLN A 397 -14.17 -9.69 -0.45
CA GLN A 397 -13.61 -10.21 0.79
C GLN A 397 -14.47 -11.22 1.54
N ARG A 398 -15.79 -11.14 1.35
CA ARG A 398 -16.73 -11.97 2.13
C ARG A 398 -16.48 -13.49 2.09
N PRO A 399 -16.17 -14.10 0.94
CA PRO A 399 -15.85 -15.52 0.96
C PRO A 399 -14.77 -15.86 1.99
N TYR A 400 -13.67 -15.10 2.03
CA TYR A 400 -12.60 -15.29 3.01
C TYR A 400 -13.08 -14.96 4.42
N TYR A 401 -13.82 -13.85 4.56
CA TYR A 401 -14.28 -13.39 5.87
C TYR A 401 -15.16 -14.50 6.48
N LEU A 402 -16.11 -14.98 5.68
CA LEU A 402 -17.03 -16.04 6.11
C LEU A 402 -16.29 -17.32 6.55
N VAL A 403 -15.49 -17.86 5.64
CA VAL A 403 -14.83 -19.13 5.96
C VAL A 403 -13.88 -19.00 7.17
N SER A 404 -13.11 -17.92 7.21
CA SER A 404 -12.14 -17.70 8.29
C SER A 404 -12.81 -17.62 9.65
N HIS A 405 -13.94 -16.92 9.72
CA HIS A 405 -14.58 -16.73 11.03
C HIS A 405 -15.27 -18.02 11.46
N VAL A 406 -15.84 -18.73 10.50
CA VAL A 406 -16.46 -20.00 10.80
C VAL A 406 -15.37 -20.96 11.34
N TYR A 407 -14.18 -20.92 10.72
CA TYR A 407 -13.05 -21.74 11.21
C TYR A 407 -12.70 -21.40 12.67
N GLN A 408 -12.69 -20.11 13.01
CA GLN A 408 -12.39 -19.70 14.39
C GLN A 408 -13.42 -20.23 15.41
N VAL A 409 -14.67 -20.32 14.99
CA VAL A 409 -15.71 -20.93 15.83
C VAL A 409 -15.40 -22.41 16.07
N HIS A 410 -15.03 -23.11 15.00
CA HIS A 410 -14.60 -24.51 15.11
C HIS A 410 -13.42 -24.64 16.09
N ARG A 411 -12.45 -23.73 15.98
CA ARG A 411 -11.34 -23.66 16.92
C ARG A 411 -11.81 -23.53 18.37
N ALA A 412 -12.73 -22.59 18.60
CA ALA A 412 -13.25 -22.35 19.96
C ALA A 412 -13.88 -23.63 20.52
N ILE A 413 -14.73 -24.28 19.72
CA ILE A 413 -15.40 -25.50 20.15
C ILE A 413 -14.32 -26.57 20.45
N ASN A 414 -13.34 -26.68 19.58
CA ASN A 414 -12.24 -27.64 19.75
C ASN A 414 -11.52 -27.43 21.08
N SER A 415 -11.41 -26.18 21.51
CA SER A 415 -10.80 -25.82 22.79
C SER A 415 -11.72 -26.08 24.01
N GLY A 416 -12.98 -26.44 23.77
CA GLY A 416 -13.90 -26.80 24.85
C GLY A 416 -15.06 -25.85 25.09
N ALA A 417 -15.08 -24.71 24.39
CA ALA A 417 -16.16 -23.72 24.51
C ALA A 417 -17.46 -24.27 23.95
N ASP A 418 -18.56 -24.05 24.66
CA ASP A 418 -19.86 -24.53 24.24
C ASP A 418 -20.51 -23.46 23.33
N VAL A 419 -20.37 -23.64 22.00
CA VAL A 419 -20.91 -22.70 21.00
C VAL A 419 -21.85 -23.50 20.12
N ARG A 420 -23.08 -23.02 19.95
CA ARG A 420 -24.14 -23.88 19.44
C ARG A 420 -24.66 -23.44 18.09
N GLY A 421 -24.12 -22.33 17.59
CA GLY A 421 -24.54 -21.89 16.27
C GLY A 421 -23.73 -20.70 15.84
N TYR A 422 -23.85 -20.39 14.54
CA TYR A 422 -23.18 -19.25 13.93
C TYR A 422 -24.25 -18.59 13.05
N LEU A 423 -24.55 -17.33 13.34
CA LEU A 423 -25.58 -16.59 12.61
C LEU A 423 -24.90 -15.39 11.95
N HIS A 424 -24.80 -15.47 10.63
CA HIS A 424 -24.14 -14.45 9.85
C HIS A 424 -24.98 -13.18 9.83
N TRP A 425 -24.30 -12.05 9.88
CA TRP A 425 -24.97 -10.76 9.63
C TRP A 425 -24.61 -10.31 8.19
N SER A 426 -25.54 -10.37 7.24
CA SER A 426 -26.91 -10.83 7.42
C SER A 426 -27.31 -11.64 6.18
N LEU A 427 -28.52 -12.20 6.18
CA LEU A 427 -29.01 -12.87 4.98
C LEU A 427 -29.05 -11.93 3.78
N ALA A 428 -29.59 -10.72 3.96
CA ALA A 428 -29.65 -9.77 2.84
C ALA A 428 -29.21 -8.39 3.28
N ASP A 429 -28.84 -7.54 2.33
CA ASP A 429 -28.53 -6.15 2.58
C ASP A 429 -29.68 -5.50 3.36
N ASN A 430 -29.35 -4.51 4.16
CA ASN A 430 -30.38 -3.82 4.95
C ASN A 430 -29.96 -2.39 5.30
N TYR A 431 -30.83 -1.67 6.01
CA TYR A 431 -30.60 -0.27 6.37
C TYR A 431 -29.58 -0.19 7.49
N GLU A 432 -28.38 0.31 7.18
CA GLU A 432 -27.30 0.38 8.19
C GLU A 432 -27.36 1.69 8.98
N TRP A 433 -28.45 1.87 9.73
CA TRP A 433 -28.56 2.98 10.69
C TRP A 433 -28.24 4.33 10.10
N ALA A 434 -27.38 5.10 10.76
CA ALA A 434 -27.04 6.44 10.31
C ALA A 434 -26.33 6.46 8.94
N SER A 435 -25.70 5.34 8.58
CA SER A 435 -24.96 5.15 7.31
C SER A 435 -25.87 4.88 6.13
N GLY A 436 -27.12 4.50 6.38
CA GLY A 436 -28.06 4.27 5.29
C GLY A 436 -27.80 2.95 4.59
N PHE A 437 -28.18 2.89 3.31
CA PHE A 437 -28.12 1.63 2.59
C PHE A 437 -26.75 1.27 1.99
N SER A 438 -25.80 2.20 2.01
CA SER A 438 -24.58 2.01 1.23
C SER A 438 -23.69 0.88 1.79
N MET A 439 -23.83 0.57 3.08
CA MET A 439 -23.11 -0.53 3.70
C MET A 439 -23.89 -1.81 3.59
N ARG A 440 -23.37 -2.73 2.77
CA ARG A 440 -24.13 -3.88 2.33
C ARG A 440 -23.52 -5.14 2.94
N PHE A 441 -24.21 -5.70 3.93
CA PHE A 441 -23.72 -6.88 4.67
C PHE A 441 -24.31 -8.23 4.23
N GLY A 442 -25.19 -8.23 3.25
CA GLY A 442 -25.90 -9.43 2.89
C GLY A 442 -25.07 -10.52 2.17
N LEU A 443 -25.37 -11.76 2.50
CA LEU A 443 -25.01 -12.88 1.63
C LEU A 443 -25.82 -12.71 0.33
N LEU A 444 -27.00 -12.08 0.44
CA LEU A 444 -27.82 -11.73 -0.72
C LEU A 444 -27.81 -10.23 -0.96
N LYS A 445 -27.58 -9.85 -2.22
CA LYS A 445 -27.57 -8.46 -2.64
C LYS A 445 -29.03 -8.06 -2.86
N VAL A 446 -29.41 -6.87 -2.38
CA VAL A 446 -30.76 -6.32 -2.61
C VAL A 446 -30.72 -5.24 -3.66
N ASP A 447 -31.56 -5.34 -4.69
CA ASP A 447 -31.82 -4.21 -5.57
C ASP A 447 -32.97 -3.45 -4.89
N TYR A 448 -32.69 -2.25 -4.37
CA TYR A 448 -33.69 -1.55 -3.57
C TYR A 448 -34.85 -0.97 -4.43
N ASN A 449 -34.65 -0.89 -5.74
CA ASN A 449 -35.69 -0.43 -6.65
C ASN A 449 -36.79 -1.48 -6.82
N THR A 450 -36.43 -2.76 -6.86
CA THR A 450 -37.40 -3.82 -7.19
C THR A 450 -37.57 -4.74 -5.99
N LYS A 451 -36.71 -4.60 -4.98
CA LYS A 451 -36.69 -5.53 -3.82
C LYS A 451 -36.25 -6.97 -4.16
N ARG A 452 -35.71 -7.16 -5.35
CA ARG A 452 -35.20 -8.47 -5.76
C ARG A 452 -33.94 -8.83 -5.00
N LEU A 453 -33.80 -10.10 -4.63
CA LEU A 453 -32.62 -10.64 -3.95
C LEU A 453 -31.73 -11.44 -4.91
N TYR A 454 -30.42 -11.19 -4.86
CA TYR A 454 -29.45 -11.95 -5.66
C TYR A 454 -28.44 -12.65 -4.74
N TRP A 455 -27.96 -13.80 -5.19
CA TRP A 455 -26.98 -14.59 -4.45
C TRP A 455 -25.61 -14.08 -4.84
N ARG A 456 -24.93 -13.42 -3.92
CA ARG A 456 -23.49 -13.18 -4.07
C ARG A 456 -22.79 -14.55 -3.98
N PRO A 457 -21.63 -14.71 -4.62
CA PRO A 457 -20.91 -16.00 -4.53
C PRO A 457 -20.67 -16.47 -3.08
N SER A 458 -20.47 -15.57 -2.13
CA SER A 458 -20.40 -16.01 -0.71
C SER A 458 -21.64 -16.77 -0.21
N ALA A 459 -22.83 -16.46 -0.74
CA ALA A 459 -24.04 -17.22 -0.41
C ALA A 459 -23.92 -18.68 -0.87
N LEU A 460 -23.33 -18.87 -2.05
CA LEU A 460 -23.07 -20.23 -2.53
C LEU A 460 -22.07 -20.95 -1.62
N VAL A 461 -21.04 -20.21 -1.19
CA VAL A 461 -20.05 -20.75 -0.24
C VAL A 461 -20.74 -21.11 1.08
N TYR A 462 -21.61 -20.22 1.58
CA TYR A 462 -22.31 -20.50 2.85
C TYR A 462 -23.24 -21.70 2.73
N ARG A 463 -23.85 -21.87 1.56
CA ARG A 463 -24.70 -23.05 1.33
C ARG A 463 -23.85 -24.32 1.45
N GLU A 464 -22.63 -24.28 0.93
CA GLU A 464 -21.72 -25.41 1.08
C GLU A 464 -21.48 -25.74 2.55
N ILE A 465 -21.18 -24.72 3.35
CA ILE A 465 -20.94 -24.91 4.77
C ILE A 465 -22.19 -25.42 5.52
N ALA A 466 -23.32 -24.76 5.31
CA ALA A 466 -24.53 -25.07 6.07
C ALA A 466 -25.08 -26.45 5.74
N THR A 467 -25.15 -26.81 4.46
CA THR A 467 -25.69 -28.10 4.06
C THR A 467 -24.79 -29.25 4.50
N ASN A 468 -23.48 -29.00 4.54
CA ASN A 468 -22.53 -30.01 4.97
C ASN A 468 -22.23 -30.03 6.48
N GLY A 469 -22.63 -28.99 7.20
CA GLY A 469 -22.27 -28.86 8.59
C GLY A 469 -20.76 -28.79 8.79
N ALA A 470 -20.06 -28.22 7.81
CA ALA A 470 -18.60 -28.22 7.83
C ALA A 470 -18.02 -27.20 6.86
N ILE A 471 -16.82 -26.73 7.14
CA ILE A 471 -16.00 -26.17 6.07
C ILE A 471 -15.47 -27.37 5.29
N THR A 472 -15.93 -27.53 4.06
CA THR A 472 -15.55 -28.70 3.25
C THR A 472 -14.13 -28.55 2.74
N ASP A 473 -13.54 -29.68 2.33
CA ASP A 473 -12.20 -29.67 1.75
C ASP A 473 -12.06 -28.68 0.62
N GLU A 474 -13.07 -28.61 -0.24
CA GLU A 474 -12.97 -27.80 -1.45
C GLU A 474 -12.90 -26.29 -1.22
N ILE A 475 -13.38 -25.79 -0.07
CA ILE A 475 -13.39 -24.34 0.17
C ILE A 475 -12.45 -23.94 1.28
N GLU A 476 -11.64 -24.89 1.72
CA GLU A 476 -10.74 -24.65 2.86
C GLU A 476 -9.70 -23.56 2.65
N HIS A 477 -9.35 -23.31 1.39
CA HIS A 477 -8.37 -22.29 1.09
C HIS A 477 -8.89 -20.89 1.47
N LEU A 478 -10.21 -20.75 1.63
CA LEU A 478 -10.81 -19.44 1.97
C LEU A 478 -10.59 -19.10 3.44
N ASN A 479 -10.02 -20.07 4.19
CA ASN A 479 -9.59 -19.80 5.55
C ASN A 479 -8.24 -19.08 5.50
N SER A 480 -8.26 -17.83 5.01
CA SER A 480 -7.03 -17.05 4.78
C SER A 480 -7.41 -15.57 4.63
N VAL A 481 -6.41 -14.70 4.61
CA VAL A 481 -6.63 -13.26 4.41
C VAL A 481 -6.86 -12.95 2.93
N PRO A 482 -7.88 -12.16 2.59
CA PRO A 482 -8.04 -11.71 1.20
C PRO A 482 -6.71 -11.12 0.69
N PRO A 483 -6.23 -11.55 -0.46
CA PRO A 483 -4.99 -10.98 -1.01
C PRO A 483 -5.12 -9.45 -1.15
N VAL A 484 -4.20 -8.71 -0.53
CA VAL A 484 -4.28 -7.25 -0.56
C VAL A 484 -3.71 -6.64 -1.82
N LYS A 485 -2.78 -7.31 -2.49
CA LYS A 485 -2.18 -6.70 -3.69
C LYS A 485 -3.19 -6.22 -4.76
N PRO A 486 -4.21 -7.02 -5.09
CA PRO A 486 -5.23 -6.56 -6.06
C PRO A 486 -6.27 -5.57 -5.52
N LEU A 487 -6.32 -5.39 -4.20
CA LEU A 487 -7.29 -4.48 -3.56
C LEU A 487 -6.79 -3.06 -3.46
N ARG A 488 -7.70 -2.13 -3.21
CA ARG A 488 -7.31 -0.75 -2.97
C ARG A 488 -6.46 -0.64 -1.72
N HIS A 489 -5.43 0.19 -1.79
CA HIS A 489 -4.69 0.66 -0.61
C HIS A 489 -5.00 2.19 -0.42
N MET B 1 22.91 22.00 9.29
CA MET B 1 23.76 22.28 8.11
C MET B 1 24.67 21.09 7.88
N TYR B 2 24.91 20.75 6.60
CA TYR B 2 25.92 19.77 6.24
C TYR B 2 26.80 20.43 5.19
N SER B 3 27.97 20.88 5.60
CA SER B 3 28.85 21.66 4.75
C SER B 3 29.87 20.77 4.06
N PHE B 4 30.18 21.09 2.81
CA PHE B 4 31.14 20.30 2.05
C PHE B 4 32.46 21.05 2.01
N PRO B 5 33.57 20.34 1.76
CA PRO B 5 34.88 20.99 1.56
C PRO B 5 34.78 22.16 0.60
N ASN B 6 35.66 23.14 0.75
CA ASN B 6 35.65 24.31 -0.12
C ASN B 6 35.94 23.98 -1.57
N SER B 7 36.61 22.86 -1.80
CA SER B 7 37.02 22.45 -3.14
C SER B 7 35.97 21.58 -3.88
N PHE B 8 34.95 21.16 -3.13
CA PHE B 8 33.92 20.24 -3.65
C PHE B 8 33.01 20.95 -4.63
N ARG B 9 32.69 20.31 -5.75
CA ARG B 9 31.82 20.96 -6.72
C ARG B 9 30.51 20.20 -6.93
N PHE B 10 29.43 20.95 -7.07
CA PHE B 10 28.15 20.40 -7.46
C PHE B 10 27.89 20.75 -8.93
N GLY B 11 27.44 19.76 -9.69
CA GLY B 11 27.11 19.99 -11.09
C GLY B 11 26.15 18.95 -11.62
N TRP B 12 26.38 18.57 -12.89
CA TRP B 12 25.49 17.67 -13.60
C TRP B 12 26.25 16.90 -14.64
N SER B 13 25.67 15.78 -15.04
CA SER B 13 26.16 14.94 -16.13
C SER B 13 25.08 14.82 -17.22
N GLN B 14 25.54 14.60 -18.45
CA GLN B 14 24.69 14.63 -19.63
C GLN B 14 25.42 13.76 -20.69
N ALA B 15 24.66 13.21 -21.63
CA ALA B 15 25.23 12.40 -22.69
C ALA B 15 24.89 13.02 -24.04
N GLY B 16 25.74 12.79 -25.04
CA GLY B 16 25.53 13.41 -26.35
C GLY B 16 24.28 12.92 -27.05
N PHE B 17 24.13 11.61 -27.16
CA PHE B 17 23.01 11.03 -27.88
C PHE B 17 21.68 11.38 -27.21
N GLN B 18 21.69 11.50 -25.88
CA GLN B 18 20.44 11.72 -25.16
C GLN B 18 19.98 13.16 -25.22
N SER B 19 20.91 14.10 -25.32
CA SER B 19 20.53 15.52 -25.23
C SER B 19 20.80 16.40 -26.46
N GLU B 20 21.77 16.00 -27.31
CA GLU B 20 22.20 16.92 -28.39
C GLU B 20 21.12 17.20 -29.41
N MET B 21 20.44 16.17 -29.92
CA MET B 21 19.52 16.40 -31.06
C MET B 21 18.21 17.05 -30.65
N GLY B 22 17.57 17.69 -31.63
CA GLY B 22 16.29 18.33 -31.42
C GLY B 22 16.20 19.69 -32.09
N THR B 23 17.36 20.32 -32.35
CA THR B 23 17.38 21.56 -33.11
C THR B 23 17.75 21.31 -34.60
N PRO B 24 17.31 22.17 -35.51
CA PRO B 24 17.56 21.96 -36.95
C PRO B 24 19.05 21.79 -37.19
N GLY B 25 19.46 20.78 -37.95
CA GLY B 25 20.86 20.62 -38.29
C GLY B 25 21.69 19.86 -37.28
N SER B 26 21.06 19.34 -36.21
CA SER B 26 21.78 18.63 -35.15
C SER B 26 21.78 17.11 -35.32
N GLU B 27 21.03 16.61 -36.32
CA GLU B 27 20.83 15.17 -36.48
C GLU B 27 22.16 14.41 -36.70
N ASP B 28 22.32 13.32 -35.95
CA ASP B 28 23.43 12.42 -36.14
C ASP B 28 22.87 11.04 -36.37
N PRO B 29 22.68 10.70 -37.66
CA PRO B 29 22.10 9.42 -38.05
C PRO B 29 23.10 8.27 -38.10
N ASN B 30 24.34 8.51 -37.73
CA ASN B 30 25.41 7.58 -38.02
C ASN B 30 25.91 6.69 -36.86
N THR B 31 25.02 6.34 -35.93
CA THR B 31 25.39 5.40 -34.86
C THR B 31 24.60 4.13 -34.87
N ASP B 32 25.15 3.11 -34.21
CA ASP B 32 24.40 1.89 -33.95
C ASP B 32 23.07 2.22 -33.24
N TRP B 33 23.14 3.11 -32.25
CA TRP B 33 21.95 3.44 -31.43
C TRP B 33 20.88 4.13 -32.26
N TYR B 34 21.29 5.05 -33.11
CA TYR B 34 20.31 5.69 -34.01
C TYR B 34 19.60 4.64 -34.87
N LYS B 35 20.36 3.77 -35.52
CA LYS B 35 19.75 2.76 -36.38
C LYS B 35 18.82 1.87 -35.54
N TRP B 36 19.31 1.51 -34.35
CA TRP B 36 18.60 0.60 -33.45
C TRP B 36 17.22 1.15 -33.09
N VAL B 37 17.13 2.43 -32.74
CA VAL B 37 15.84 2.96 -32.29
C VAL B 37 14.88 3.28 -33.44
N HIS B 38 15.42 3.35 -34.67
CA HIS B 38 14.55 3.56 -35.86
C HIS B 38 14.14 2.27 -36.52
N ASP B 39 14.68 1.15 -36.05
CA ASP B 39 14.44 -0.13 -36.71
C ASP B 39 12.96 -0.56 -36.61
N PRO B 40 12.30 -0.82 -37.76
CA PRO B 40 10.90 -1.25 -37.76
C PRO B 40 10.59 -2.50 -36.94
N GLU B 41 11.45 -3.51 -37.04
CA GLU B 41 11.25 -4.72 -36.25
C GLU B 41 11.39 -4.47 -34.74
N ASN B 42 12.40 -3.70 -34.34
CA ASN B 42 12.55 -3.35 -32.92
C ASN B 42 11.32 -2.60 -32.38
N MET B 43 10.80 -1.68 -33.18
CA MET B 43 9.64 -0.92 -32.81
C MET B 43 8.41 -1.81 -32.70
N ALA B 44 8.22 -2.72 -33.67
CA ALA B 44 7.06 -3.62 -33.65
C ALA B 44 7.11 -4.59 -32.46
N ALA B 45 8.31 -5.04 -32.11
CA ALA B 45 8.53 -5.90 -30.94
C ALA B 45 8.37 -5.15 -29.60
N GLY B 46 8.39 -3.82 -29.63
CA GLY B 46 8.38 -3.01 -28.42
C GLY B 46 9.71 -3.00 -27.69
N LEU B 47 10.78 -3.42 -28.37
CA LEU B 47 12.11 -3.36 -27.78
C LEU B 47 12.54 -1.93 -27.60
N VAL B 48 12.07 -1.06 -28.50
CA VAL B 48 12.33 0.37 -28.37
C VAL B 48 10.97 1.04 -28.37
N SER B 49 10.92 2.26 -27.84
CA SER B 49 9.64 2.93 -27.57
C SER B 49 8.94 3.50 -28.79
N GLY B 50 9.68 3.75 -29.86
CA GLY B 50 9.10 4.44 -31.00
C GLY B 50 9.41 5.92 -30.95
N ASP B 51 9.84 6.42 -29.79
CA ASP B 51 10.34 7.81 -29.72
C ASP B 51 11.69 7.86 -30.41
N LEU B 52 12.01 9.01 -30.98
CA LEU B 52 13.22 9.18 -31.78
C LEU B 52 14.08 10.33 -31.22
N PRO B 53 15.39 10.13 -31.14
CA PRO B 53 16.29 11.10 -30.52
C PRO B 53 16.35 12.46 -31.22
N GLU B 54 16.09 12.49 -32.54
CA GLU B 54 16.13 13.75 -33.29
C GLU B 54 14.98 14.70 -32.88
N ASN B 55 14.05 14.20 -32.07
CA ASN B 55 13.04 15.08 -31.47
C ASN B 55 13.37 15.48 -30.02
N GLY B 56 14.66 15.49 -29.70
CA GLY B 56 15.14 15.68 -28.34
C GLY B 56 15.25 17.10 -27.82
N PRO B 57 15.97 17.29 -26.71
CA PRO B 57 15.96 18.58 -26.00
C PRO B 57 16.81 19.66 -26.69
N GLY B 58 17.57 19.27 -27.70
CA GLY B 58 18.30 20.25 -28.50
C GLY B 58 19.51 20.93 -27.89
N TYR B 59 20.32 20.21 -27.16
CA TYR B 59 21.54 20.81 -26.60
C TYR B 59 22.53 21.30 -27.69
N TRP B 60 22.54 20.61 -28.84
CA TRP B 60 23.45 20.99 -29.94
C TRP B 60 23.27 22.44 -30.32
N GLY B 61 22.02 22.84 -30.51
CA GLY B 61 21.69 24.22 -30.82
C GLY B 61 21.45 25.15 -29.63
N ASN B 62 21.01 24.60 -28.49
CA ASN B 62 20.58 25.45 -27.36
C ASN B 62 21.50 25.44 -26.16
N TYR B 63 22.73 24.94 -26.34
CA TYR B 63 23.68 24.79 -25.26
C TYR B 63 23.89 26.04 -24.38
N LYS B 64 23.80 27.24 -24.97
CA LYS B 64 23.97 28.50 -24.23
C LYS B 64 22.89 28.69 -23.16
N THR B 65 21.65 28.38 -23.50
CA THR B 65 20.51 28.35 -22.58
C THR B 65 20.67 27.28 -21.46
N PHE B 66 21.14 26.08 -21.81
CA PHE B 66 21.42 25.05 -20.81
C PHE B 66 22.44 25.62 -19.82
N HIS B 67 23.50 26.21 -20.36
CA HIS B 67 24.60 26.70 -19.54
C HIS B 67 24.14 27.92 -18.70
N ASP B 68 23.27 28.76 -19.25
CA ASP B 68 22.73 29.91 -18.52
C ASP B 68 22.02 29.44 -17.24
N ASN B 69 21.25 28.37 -17.39
CA ASN B 69 20.47 27.82 -16.28
C ASN B 69 21.33 27.12 -15.27
N ALA B 70 22.31 26.38 -15.74
CA ALA B 70 23.29 25.78 -14.87
C ALA B 70 24.07 26.84 -14.05
N GLN B 71 24.42 27.96 -14.67
CA GLN B 71 25.15 29.03 -13.96
C GLN B 71 24.24 29.71 -12.91
N LYS B 72 23.00 29.99 -13.30
CA LYS B 72 21.98 30.49 -12.37
C LYS B 72 21.79 29.56 -11.17
N MET B 73 21.95 28.26 -11.40
CA MET B 73 21.76 27.24 -10.38
C MET B 73 22.98 27.08 -9.50
N GLY B 74 24.07 27.79 -9.82
CA GLY B 74 25.27 27.76 -8.98
C GLY B 74 26.16 26.56 -9.19
N LEU B 75 25.96 25.86 -10.29
CA LEU B 75 26.73 24.67 -10.60
C LEU B 75 28.16 25.06 -11.00
N LYS B 76 29.11 24.20 -10.69
CA LYS B 76 30.52 24.52 -10.89
C LYS B 76 31.28 23.38 -11.56
N ILE B 77 30.56 22.33 -11.98
CA ILE B 77 31.17 21.17 -12.64
C ILE B 77 30.19 20.56 -13.67
N ALA B 78 30.72 20.06 -14.78
CA ALA B 78 29.88 19.40 -15.79
C ALA B 78 30.65 18.24 -16.36
N ARG B 79 29.94 17.15 -16.63
CA ARG B 79 30.53 16.05 -17.33
C ARG B 79 29.66 15.72 -18.54
N LEU B 80 30.32 15.62 -19.69
CA LEU B 80 29.65 15.62 -20.99
C LEU B 80 30.50 14.69 -21.83
N ASN B 81 29.95 14.13 -22.91
CA ASN B 81 30.81 13.40 -23.85
C ASN B 81 30.79 14.00 -25.26
N VAL B 82 31.82 13.68 -26.04
CA VAL B 82 31.78 13.87 -27.50
C VAL B 82 31.23 12.57 -28.10
N GLU B 83 30.41 12.70 -29.14
CA GLU B 83 29.95 11.53 -29.86
C GLU B 83 30.97 11.21 -30.98
N TRP B 84 31.68 10.11 -30.78
CA TRP B 84 32.57 9.47 -31.75
C TRP B 84 32.06 9.61 -33.21
N SER B 85 30.82 9.20 -33.43
CA SER B 85 30.17 9.24 -34.74
C SER B 85 30.14 10.62 -35.40
N ARG B 86 30.02 11.69 -34.60
CA ARG B 86 29.97 13.03 -35.17
C ARG B 86 31.36 13.46 -35.68
N ILE B 87 32.40 12.99 -35.01
CA ILE B 87 33.79 13.33 -35.38
C ILE B 87 34.27 12.47 -36.54
N PHE B 88 34.00 11.16 -36.47
CA PHE B 88 34.33 10.24 -37.55
C PHE B 88 33.12 9.49 -38.12
N PRO B 89 32.30 10.17 -38.89
CA PRO B 89 31.12 9.52 -39.47
C PRO B 89 31.42 8.47 -40.55
N ASN B 90 32.61 8.53 -41.12
CA ASN B 90 33.01 7.60 -42.17
C ASN B 90 34.17 6.74 -41.71
N PRO B 91 34.37 5.57 -42.31
CA PRO B 91 35.40 4.66 -41.83
C PRO B 91 36.81 5.23 -42.00
N LEU B 92 37.68 4.82 -41.10
CA LEU B 92 39.10 5.14 -41.21
C LEU B 92 39.81 3.99 -41.89
N PRO B 93 40.99 4.24 -42.46
CA PRO B 93 41.77 3.20 -43.16
C PRO B 93 42.11 2.06 -42.20
N ARG B 94 42.00 0.79 -42.64
CA ARG B 94 42.43 -0.36 -41.83
C ARG B 94 43.90 -0.17 -41.52
N PRO B 95 44.33 -0.39 -40.28
CA PRO B 95 45.72 -0.13 -39.87
C PRO B 95 46.70 -1.23 -40.23
N PHE B 98 48.48 -4.61 -37.56
CA PHE B 98 47.35 -4.98 -36.71
C PHE B 98 46.66 -6.28 -37.12
N ASP B 99 46.70 -7.25 -36.21
CA ASP B 99 46.18 -8.59 -36.43
C ASP B 99 44.84 -8.80 -35.68
N GLU B 100 43.73 -8.81 -36.42
CA GLU B 100 42.38 -8.88 -35.84
C GLU B 100 42.04 -10.20 -35.13
N SER B 101 42.83 -11.23 -35.40
CA SER B 101 42.61 -12.55 -34.80
C SER B 101 43.24 -12.67 -33.40
N LYS B 102 44.13 -11.75 -33.07
CA LYS B 102 44.76 -11.68 -31.73
C LYS B 102 43.74 -11.26 -30.67
N GLN B 103 43.65 -12.06 -29.60
CA GLN B 103 42.72 -11.83 -28.49
C GLN B 103 43.04 -10.56 -27.71
N ASP B 104 44.32 -10.36 -27.43
CA ASP B 104 44.76 -9.21 -26.63
C ASP B 104 45.25 -8.04 -27.46
N VAL B 105 44.94 -6.84 -26.99
CA VAL B 105 45.49 -5.61 -27.53
C VAL B 105 46.27 -4.97 -26.40
N THR B 106 47.60 -5.17 -26.42
CA THR B 106 48.48 -4.71 -25.34
C THR B 106 49.05 -3.33 -25.59
N GLU B 107 49.11 -2.92 -26.85
CA GLU B 107 49.64 -1.61 -27.20
C GLU B 107 48.95 -1.11 -28.44
N VAL B 108 48.74 0.21 -28.48
CA VAL B 108 48.29 0.89 -29.68
C VAL B 108 49.19 2.09 -29.81
N GLU B 109 50.08 2.04 -30.79
CA GLU B 109 51.02 3.13 -30.96
C GLU B 109 50.34 4.32 -31.59
N ILE B 110 50.47 5.45 -30.91
CA ILE B 110 49.95 6.69 -31.44
C ILE B 110 51.05 7.73 -31.34
N ASN B 111 51.26 8.46 -32.43
CA ASN B 111 52.26 9.52 -32.45
C ASN B 111 51.68 10.73 -33.13
N GLU B 112 52.43 11.84 -33.06
CA GLU B 112 51.96 13.09 -33.64
C GLU B 112 51.59 12.96 -35.13
N ASN B 113 52.39 12.22 -35.89
CA ASN B 113 52.12 12.04 -37.33
C ASN B 113 50.82 11.29 -37.59
N GLU B 114 50.62 10.20 -36.86
CA GLU B 114 49.37 9.44 -36.84
C GLU B 114 48.15 10.33 -36.53
N LEU B 115 48.29 11.17 -35.52
CA LEU B 115 47.23 12.10 -35.11
C LEU B 115 46.90 13.11 -36.18
N LYS B 116 47.94 13.58 -36.88
CA LYS B 116 47.76 14.51 -37.99
C LYS B 116 47.04 13.85 -39.18
N ARG B 117 47.32 12.57 -39.42
CA ARG B 117 46.60 11.78 -40.45
C ARG B 117 45.13 11.59 -40.07
N LEU B 118 44.87 11.25 -38.82
CA LEU B 118 43.51 11.10 -38.31
C LEU B 118 42.75 12.40 -38.51
N ASP B 119 43.44 13.50 -38.25
CA ASP B 119 42.85 14.82 -38.43
C ASP B 119 42.29 15.08 -39.84
N GLU B 120 42.84 14.43 -40.87
CA GLU B 120 42.33 14.58 -42.24
C GLU B 120 40.92 13.96 -42.41
N TYR B 121 40.58 13.00 -41.56
CA TYR B 121 39.31 12.29 -41.67
C TYR B 121 38.18 12.84 -40.78
N ALA B 122 38.56 13.75 -39.88
CA ALA B 122 37.62 14.23 -38.85
C ALA B 122 36.69 15.28 -39.40
N ASN B 123 35.44 15.25 -38.94
CA ASN B 123 34.50 16.29 -39.35
C ASN B 123 34.82 17.60 -38.63
N LYS B 124 35.18 18.62 -39.41
CA LYS B 124 35.67 19.87 -38.85
C LYS B 124 34.53 20.72 -38.27
N ASP B 125 33.36 20.65 -38.90
CA ASP B 125 32.19 21.35 -38.42
C ASP B 125 31.83 20.81 -37.02
N ALA B 126 31.83 19.48 -36.87
CA ALA B 126 31.53 18.85 -35.57
C ALA B 126 32.56 19.27 -34.54
N LEU B 127 33.83 19.22 -34.93
CA LEU B 127 34.92 19.56 -34.03
C LEU B 127 34.82 21.01 -33.57
N ASN B 128 34.56 21.91 -34.51
CA ASN B 128 34.48 23.33 -34.16
C ASN B 128 33.24 23.61 -33.30
N HIS B 129 32.13 22.91 -33.58
CA HIS B 129 30.93 23.10 -32.79
C HIS B 129 31.14 22.69 -31.33
N TYR B 130 31.74 21.52 -31.13
CA TYR B 130 32.08 21.05 -29.79
C TYR B 130 33.02 22.04 -29.06
N ARG B 131 33.99 22.59 -29.78
CA ARG B 131 34.84 23.62 -29.20
C ARG B 131 33.98 24.80 -28.75
N GLU B 132 33.01 25.21 -29.55
CA GLU B 132 32.17 26.34 -29.17
C GLU B 132 31.34 26.03 -27.91
N ILE B 133 30.86 24.78 -27.84
CA ILE B 133 30.06 24.36 -26.68
C ILE B 133 30.94 24.37 -25.44
N PHE B 134 32.10 23.71 -25.54
CA PHE B 134 33.00 23.60 -24.41
C PHE B 134 33.60 24.96 -23.92
N LYS B 135 33.87 25.89 -24.86
CA LYS B 135 34.36 27.22 -24.49
C LYS B 135 33.30 27.96 -23.69
N ASP B 136 32.07 27.88 -24.16
CA ASP B 136 30.96 28.55 -23.50
C ASP B 136 30.80 27.95 -22.10
N LEU B 137 30.99 26.64 -22.02
CA LEU B 137 30.85 25.93 -20.75
C LEU B 137 31.89 26.46 -19.75
N LYS B 138 33.15 26.48 -20.18
CA LYS B 138 34.24 27.00 -19.34
C LYS B 138 34.05 28.47 -18.96
N SER B 139 33.40 29.24 -19.83
CA SER B 139 33.18 30.65 -19.56
C SER B 139 32.18 30.89 -18.41
N ARG B 140 31.42 29.87 -18.03
CA ARG B 140 30.51 29.98 -16.88
C ARG B 140 31.20 29.60 -15.58
N GLY B 141 32.49 29.31 -15.63
CA GLY B 141 33.24 28.81 -14.48
C GLY B 141 32.98 27.35 -14.13
N LEU B 142 32.54 26.57 -15.12
CA LEU B 142 32.32 25.15 -14.88
C LEU B 142 33.61 24.36 -15.12
N TYR B 143 34.03 23.58 -14.13
CA TYR B 143 35.10 22.61 -14.27
C TYR B 143 34.60 21.50 -15.19
N PHE B 144 35.46 21.03 -16.09
CA PHE B 144 35.02 20.16 -17.18
C PHE B 144 35.61 18.76 -17.11
N ILE B 145 34.74 17.75 -16.90
CA ILE B 145 35.13 16.37 -17.09
C ILE B 145 34.65 15.94 -18.48
N LEU B 146 35.59 15.65 -19.38
CA LEU B 146 35.26 15.15 -20.71
C LEU B 146 35.31 13.64 -20.75
N ASN B 147 34.17 13.02 -21.05
CA ASN B 147 34.07 11.59 -21.21
C ASN B 147 34.14 11.27 -22.72
N MET B 148 34.83 10.20 -23.11
CA MET B 148 35.06 9.90 -24.55
C MET B 148 33.88 9.12 -25.18
N TYR B 149 33.15 8.34 -24.37
CA TYR B 149 32.18 7.37 -24.87
C TYR B 149 30.98 7.20 -23.92
N HIS B 150 29.77 7.26 -24.47
CA HIS B 150 28.53 7.06 -23.68
C HIS B 150 27.52 6.31 -24.55
N TRP B 151 28.03 5.23 -25.17
CA TRP B 151 27.29 4.05 -25.69
C TRP B 151 27.18 3.89 -27.21
N PRO B 152 26.65 4.88 -27.94
CA PRO B 152 26.57 4.75 -29.40
C PRO B 152 27.97 4.69 -30.05
N LEU B 153 28.16 3.75 -30.95
CA LEU B 153 29.37 3.57 -31.77
C LEU B 153 29.04 4.00 -33.19
N PRO B 154 30.01 4.53 -33.94
CA PRO B 154 29.78 4.82 -35.36
C PRO B 154 29.25 3.55 -36.03
N LEU B 155 28.28 3.70 -36.92
CA LEU B 155 27.75 2.56 -37.64
C LEU B 155 28.81 1.73 -38.39
N TRP B 156 29.91 2.38 -38.79
CA TRP B 156 30.93 1.67 -39.57
C TRP B 156 31.72 0.73 -38.65
N LEU B 157 31.52 0.87 -37.34
CA LEU B 157 32.10 -0.06 -36.37
C LEU B 157 31.10 -1.08 -35.78
N HIS B 158 29.81 -0.81 -35.94
CA HIS B 158 28.79 -1.70 -35.40
C HIS B 158 27.47 -1.55 -36.12
N ASP B 159 27.06 -2.58 -36.84
CA ASP B 159 25.73 -2.64 -37.38
C ASP B 159 24.96 -3.60 -36.49
N PRO B 160 24.17 -3.04 -35.57
CA PRO B 160 23.55 -3.85 -34.51
C PRO B 160 22.44 -4.72 -35.02
N ILE B 161 21.82 -4.34 -36.15
CA ILE B 161 20.70 -5.16 -36.67
C ILE B 161 21.21 -6.47 -37.24
N ARG B 162 22.30 -6.37 -37.99
CA ARG B 162 23.00 -7.54 -38.51
C ARG B 162 23.35 -8.49 -37.35
N VAL B 163 23.94 -7.94 -36.29
CA VAL B 163 24.32 -8.79 -35.14
C VAL B 163 23.08 -9.35 -34.43
N ARG B 164 22.04 -8.53 -34.23
CA ARG B 164 20.77 -9.06 -33.68
C ARG B 164 20.26 -10.30 -34.41
N ARG B 165 20.39 -10.27 -35.74
CA ARG B 165 19.97 -11.35 -36.62
C ARG B 165 20.93 -12.54 -36.61
N GLY B 166 22.03 -12.42 -35.89
CA GLY B 166 22.93 -13.57 -35.73
C GLY B 166 23.96 -13.67 -36.86
N ASP B 167 24.20 -12.54 -37.52
CA ASP B 167 25.13 -12.44 -38.64
C ASP B 167 26.35 -11.72 -38.12
N PHE B 168 27.47 -12.43 -37.96
CA PHE B 168 28.69 -11.87 -37.39
C PHE B 168 29.76 -11.50 -38.43
N THR B 169 29.36 -11.33 -39.69
CA THR B 169 30.32 -11.01 -40.76
C THR B 169 30.57 -9.51 -40.95
N GLY B 170 29.72 -8.70 -40.33
CA GLY B 170 29.80 -7.26 -40.49
C GLY B 170 30.49 -6.62 -39.30
N PRO B 171 30.42 -5.30 -39.21
CA PRO B 171 31.07 -4.57 -38.11
C PRO B 171 30.33 -4.95 -36.83
N SER B 172 31.10 -5.48 -35.89
CA SER B 172 30.51 -6.17 -34.76
C SER B 172 30.68 -5.49 -33.41
N GLY B 173 31.01 -4.20 -33.42
CA GLY B 173 31.08 -3.38 -32.22
C GLY B 173 32.11 -3.88 -31.20
N TRP B 174 31.72 -3.99 -29.93
CA TRP B 174 32.69 -4.44 -28.91
C TRP B 174 33.11 -5.90 -29.04
N LEU B 175 32.51 -6.63 -29.98
CA LEU B 175 32.96 -8.01 -30.23
C LEU B 175 34.24 -8.05 -31.09
N SER B 176 34.71 -6.89 -31.54
CA SER B 176 35.89 -6.84 -32.42
C SER B 176 37.02 -6.00 -31.84
N THR B 177 38.25 -6.54 -31.90
CA THR B 177 39.43 -5.75 -31.49
C THR B 177 39.69 -4.53 -32.38
N ARG B 178 39.11 -4.50 -33.58
CA ARG B 178 39.18 -3.28 -34.36
C ARG B 178 38.54 -2.10 -33.60
N THR B 179 37.39 -2.35 -32.97
CA THR B 179 36.76 -1.29 -32.18
C THR B 179 37.71 -0.86 -31.05
N VAL B 180 38.40 -1.81 -30.47
CA VAL B 180 39.32 -1.49 -29.37
C VAL B 180 40.45 -0.58 -29.88
N TYR B 181 41.01 -0.98 -31.02
CA TYR B 181 42.10 -0.25 -31.61
C TYR B 181 41.64 1.17 -31.94
N GLU B 182 40.48 1.29 -32.60
CA GLU B 182 39.98 2.60 -33.02
C GLU B 182 39.60 3.51 -31.85
N PHE B 183 39.03 2.91 -30.80
CA PHE B 183 38.69 3.71 -29.61
C PHE B 183 39.90 4.35 -28.95
N ALA B 184 40.97 3.57 -28.76
CA ALA B 184 42.27 4.14 -28.33
C ALA B 184 42.67 5.35 -29.16
N ARG B 185 42.67 5.22 -30.49
CA ARG B 185 43.08 6.34 -31.36
C ARG B 185 42.17 7.51 -31.19
N PHE B 186 40.86 7.21 -31.12
CA PHE B 186 39.85 8.27 -31.01
C PHE B 186 40.05 9.09 -29.75
N SER B 187 40.27 8.40 -28.64
CA SER B 187 40.47 9.05 -27.33
C SER B 187 41.73 9.89 -27.31
N ALA B 188 42.84 9.32 -27.81
CA ALA B 188 44.08 10.12 -27.92
C ALA B 188 43.81 11.36 -28.75
N TYR B 189 43.11 11.18 -29.87
CA TYR B 189 42.79 12.27 -30.80
C TYR B 189 42.00 13.39 -30.13
N ILE B 190 40.92 13.02 -29.41
CA ILE B 190 40.08 14.03 -28.75
C ILE B 190 40.85 14.79 -27.67
N ALA B 191 41.62 14.06 -26.87
CA ALA B 191 42.51 14.69 -25.89
C ALA B 191 43.49 15.67 -26.56
N TRP B 192 44.06 15.24 -27.68
CA TRP B 192 45.01 16.07 -28.44
C TRP B 192 44.34 17.36 -28.88
N LYS B 193 43.09 17.29 -29.34
CA LYS B 193 42.39 18.45 -29.81
C LYS B 193 41.78 19.36 -28.73
N PHE B 194 41.41 18.78 -27.58
CA PHE B 194 40.61 19.54 -26.59
C PHE B 194 41.28 19.79 -25.22
N ASP B 195 42.49 19.26 -25.03
CA ASP B 195 43.19 19.31 -23.74
C ASP B 195 43.24 20.70 -23.10
N ASP B 196 43.24 21.76 -23.90
CA ASP B 196 43.23 23.12 -23.36
C ASP B 196 41.92 23.47 -22.66
N LEU B 197 40.86 22.72 -22.94
CA LEU B 197 39.55 23.02 -22.38
C LEU B 197 39.15 22.06 -21.26
N VAL B 198 39.81 20.91 -21.22
CA VAL B 198 39.41 19.84 -20.31
C VAL B 198 40.15 19.92 -18.97
N ASP B 199 39.43 19.66 -17.88
CA ASP B 199 40.05 19.56 -16.56
C ASP B 199 40.39 18.14 -16.19
N GLU B 200 39.46 17.21 -16.37
CA GLU B 200 39.72 15.77 -16.21
C GLU B 200 39.02 14.96 -17.31
N TYR B 201 39.46 13.73 -17.52
CA TYR B 201 38.92 12.87 -18.57
C TYR B 201 38.29 11.64 -17.96
N SER B 202 37.23 11.14 -18.60
CA SER B 202 36.79 9.77 -18.40
C SER B 202 36.90 9.07 -19.75
N THR B 203 37.27 7.80 -19.76
CA THR B 203 37.30 7.06 -21.03
C THR B 203 35.87 6.72 -21.47
N MET B 204 35.12 6.08 -20.55
CA MET B 204 33.80 5.53 -20.86
C MET B 204 32.77 5.77 -19.74
N ASN B 205 31.50 5.72 -20.13
CA ASN B 205 30.37 5.72 -19.21
C ASN B 205 29.75 4.34 -19.15
N GLU B 206 29.75 3.73 -17.96
CA GLU B 206 29.03 2.45 -17.71
C GLU B 206 29.23 1.37 -18.77
N PRO B 207 30.47 0.90 -18.94
CA PRO B 207 30.75 -0.20 -19.86
C PRO B 207 30.00 -1.47 -19.46
N ASN B 208 29.79 -1.69 -18.17
CA ASN B 208 29.08 -2.88 -17.70
C ASN B 208 27.65 -2.96 -18.22
N VAL B 209 27.01 -1.81 -18.42
CA VAL B 209 25.64 -1.76 -18.97
C VAL B 209 25.68 -2.09 -20.48
N VAL B 210 26.67 -1.54 -21.19
CA VAL B 210 26.82 -1.79 -22.64
C VAL B 210 26.89 -3.31 -22.86
N GLY B 211 27.80 -3.98 -22.16
CA GLY B 211 27.94 -5.41 -22.29
C GLY B 211 26.80 -6.25 -21.70
N GLY B 212 26.38 -5.89 -20.49
CA GLY B 212 25.31 -6.60 -19.80
C GLY B 212 23.96 -6.55 -20.51
N LEU B 213 23.48 -5.36 -20.84
CA LEU B 213 22.17 -5.25 -21.50
C LEU B 213 22.26 -5.61 -22.99
N GLY B 214 23.41 -5.35 -23.60
CA GLY B 214 23.61 -5.70 -25.02
C GLY B 214 23.51 -7.17 -25.35
N TYR B 215 23.96 -8.03 -24.44
CA TYR B 215 24.16 -9.45 -24.73
C TYR B 215 23.53 -10.42 -23.72
N VAL B 216 22.90 -9.88 -22.68
CA VAL B 216 22.23 -10.76 -21.70
C VAL B 216 20.82 -10.21 -21.38
N GLY B 217 20.75 -8.97 -20.89
CA GLY B 217 19.47 -8.37 -20.54
C GLY B 217 18.75 -7.86 -21.78
N VAL B 218 18.45 -8.76 -22.71
CA VAL B 218 17.92 -8.42 -24.03
C VAL B 218 16.50 -7.84 -24.07
N LYS B 219 15.73 -8.05 -23.01
CA LYS B 219 14.45 -7.36 -22.92
C LYS B 219 14.57 -5.87 -22.73
N SER B 220 15.77 -5.40 -22.37
CA SER B 220 15.96 -3.98 -22.20
C SER B 220 16.00 -3.20 -23.52
N GLY B 221 16.13 -3.90 -24.64
CA GLY B 221 16.14 -3.24 -25.95
C GLY B 221 17.38 -2.42 -26.19
N PHE B 222 18.53 -2.93 -25.72
CA PHE B 222 19.83 -2.32 -25.97
C PHE B 222 20.52 -3.09 -27.12
N PRO B 223 21.25 -2.39 -27.97
CA PRO B 223 21.90 -3.04 -29.12
C PRO B 223 23.14 -3.84 -28.70
N PRO B 224 23.47 -4.92 -29.40
CA PRO B 224 22.71 -5.46 -30.53
C PRO B 224 21.61 -6.41 -30.11
N GLY B 225 21.39 -6.59 -28.80
CA GLY B 225 20.32 -7.46 -28.32
C GLY B 225 20.43 -8.89 -28.79
N TYR B 226 21.67 -9.42 -28.76
CA TYR B 226 21.94 -10.80 -29.13
C TYR B 226 22.27 -11.54 -27.85
N LEU B 227 21.43 -12.51 -27.50
CA LEU B 227 21.51 -13.18 -26.20
C LEU B 227 22.65 -14.21 -26.18
N SER B 228 23.71 -13.92 -25.44
CA SER B 228 24.88 -14.80 -25.36
C SER B 228 25.77 -14.48 -24.16
N PHE B 229 25.84 -15.39 -23.20
CA PHE B 229 26.78 -15.25 -22.10
C PHE B 229 28.22 -15.10 -22.65
N GLU B 230 28.59 -15.98 -23.57
CA GLU B 230 29.95 -15.98 -24.13
C GLU B 230 30.27 -14.66 -24.82
N LEU B 231 29.33 -14.10 -25.60
CA LEU B 231 29.63 -12.82 -26.24
C LEU B 231 29.63 -11.64 -25.31
N SER B 232 28.80 -11.69 -24.26
CA SER B 232 28.85 -10.65 -23.24
C SER B 232 30.25 -10.59 -22.61
N ARG B 233 30.82 -11.75 -22.33
CA ARG B 233 32.16 -11.83 -21.72
C ARG B 233 33.22 -11.30 -22.68
N ARG B 234 33.09 -11.67 -23.95
CA ARG B 234 34.00 -11.18 -24.99
C ARG B 234 33.90 -9.67 -25.13
N ALA B 235 32.67 -9.13 -25.15
CA ALA B 235 32.53 -7.68 -25.22
C ALA B 235 33.15 -6.99 -24.00
N MET B 236 32.93 -7.54 -22.80
CA MET B 236 33.49 -6.93 -21.61
C MET B 236 35.03 -6.99 -21.63
N TYR B 237 35.56 -8.11 -22.09
CA TYR B 237 37.02 -8.25 -22.19
C TYR B 237 37.60 -7.15 -23.10
N ASN B 238 36.98 -6.96 -24.25
CA ASN B 238 37.41 -5.92 -25.19
C ASN B 238 37.28 -4.50 -24.66
N ILE B 239 36.16 -4.24 -23.99
CA ILE B 239 35.92 -2.93 -23.40
C ILE B 239 36.98 -2.61 -22.33
N ILE B 240 37.35 -3.62 -21.55
CA ILE B 240 38.41 -3.46 -20.55
C ILE B 240 39.75 -3.07 -21.24
N GLN B 241 40.14 -3.81 -22.27
CA GLN B 241 41.39 -3.43 -22.94
C GLN B 241 41.29 -2.11 -23.69
N ALA B 242 40.09 -1.77 -24.18
CA ALA B 242 39.87 -0.48 -24.82
C ALA B 242 40.04 0.65 -23.82
N HIS B 243 39.57 0.43 -22.59
CA HIS B 243 39.77 1.46 -21.57
C HIS B 243 41.28 1.68 -21.32
N ALA B 244 42.02 0.60 -21.11
CA ALA B 244 43.46 0.68 -20.83
C ALA B 244 44.23 1.37 -21.99
N ARG B 245 43.92 0.96 -23.22
CA ARG B 245 44.54 1.51 -24.40
C ARG B 245 44.16 3.00 -24.58
N ALA B 246 42.91 3.37 -24.25
CA ALA B 246 42.52 4.77 -24.28
C ALA B 246 43.23 5.60 -23.19
N TYR B 247 43.41 5.02 -22.02
CA TYR B 247 44.16 5.69 -20.94
C TYR B 247 45.58 6.03 -21.41
N ASP B 248 46.28 5.04 -21.96
CA ASP B 248 47.65 5.24 -22.49
C ASP B 248 47.66 6.27 -23.61
N GLY B 249 46.66 6.18 -24.50
CA GLY B 249 46.51 7.13 -25.59
C GLY B 249 46.34 8.54 -25.11
N ILE B 250 45.47 8.75 -24.12
CA ILE B 250 45.26 10.09 -23.58
C ILE B 250 46.53 10.58 -22.90
N LYS B 251 47.13 9.71 -22.10
CA LYS B 251 48.33 10.05 -21.35
C LYS B 251 49.52 10.36 -22.29
N SER B 252 49.49 9.83 -23.52
CA SER B 252 50.57 10.12 -24.49
C SER B 252 50.52 11.59 -24.91
N VAL B 253 49.39 12.23 -24.65
CA VAL B 253 49.11 13.54 -25.18
C VAL B 253 48.75 14.56 -24.07
N SER B 254 48.50 14.07 -22.86
CA SER B 254 48.04 14.95 -21.76
C SER B 254 48.55 14.46 -20.40
N LYS B 255 48.69 15.39 -19.45
CA LYS B 255 49.10 15.05 -18.08
C LYS B 255 47.90 14.97 -17.12
N LYS B 256 46.73 15.31 -17.63
CA LYS B 256 45.52 15.44 -16.80
C LYS B 256 44.96 14.09 -16.33
N PRO B 257 44.19 14.08 -15.23
CA PRO B 257 43.71 12.81 -14.67
C PRO B 257 42.72 12.11 -15.61
N VAL B 258 42.83 10.78 -15.67
CA VAL B 258 41.98 9.98 -16.52
C VAL B 258 41.32 8.88 -15.72
N GLY B 259 39.99 8.92 -15.66
CA GLY B 259 39.25 7.90 -14.95
C GLY B 259 38.26 7.14 -15.81
N ILE B 260 37.29 6.52 -15.13
CA ILE B 260 36.20 5.81 -15.80
C ILE B 260 34.91 5.97 -14.96
N ILE B 261 33.76 5.90 -15.63
CA ILE B 261 32.47 6.04 -14.97
C ILE B 261 31.77 4.69 -15.09
N TYR B 262 31.20 4.22 -13.99
CA TYR B 262 30.70 2.85 -13.92
C TYR B 262 29.35 2.79 -13.21
N ALA B 263 28.48 1.86 -13.63
CA ALA B 263 27.14 1.73 -13.07
C ALA B 263 27.19 0.86 -11.83
N ASN B 264 26.60 1.36 -10.75
CA ASN B 264 26.66 0.66 -9.46
C ASN B 264 25.29 0.50 -8.85
N SER B 265 25.12 -0.60 -8.14
CA SER B 265 24.05 -0.68 -7.16
C SER B 265 24.66 -1.11 -5.82
N SER B 266 23.97 -0.80 -4.73
CA SER B 266 24.42 -1.23 -3.40
C SER B 266 23.83 -2.60 -3.13
N PHE B 267 24.69 -3.60 -2.97
CA PHE B 267 24.22 -4.94 -2.77
C PHE B 267 23.91 -5.14 -1.29
N GLN B 268 22.66 -5.57 -1.04
CA GLN B 268 22.13 -5.64 0.32
C GLN B 268 21.66 -7.05 0.57
N PRO B 269 21.89 -7.55 1.79
CA PRO B 269 21.49 -8.93 2.14
C PRO B 269 19.99 -8.99 2.50
N LEU B 270 19.29 -9.98 1.96
CA LEU B 270 17.88 -10.16 2.30
C LEU B 270 17.71 -10.42 3.81
N THR B 271 18.45 -11.41 4.32
CA THR B 271 18.49 -11.76 5.74
C THR B 271 19.93 -11.66 6.25
N ASP B 272 20.11 -11.71 7.58
CA ASP B 272 21.44 -11.69 8.17
C ASP B 272 22.32 -12.90 7.77
N LYS B 273 21.71 -13.87 7.08
CA LYS B 273 22.43 -15.05 6.62
C LYS B 273 22.99 -14.87 5.19
N ASP B 274 22.86 -13.67 4.63
CA ASP B 274 23.18 -13.43 3.21
C ASP B 274 24.37 -12.50 2.97
N MET B 275 25.20 -12.29 3.98
CA MET B 275 26.33 -11.37 3.83
C MET B 275 27.39 -11.88 2.84
N GLU B 276 27.54 -13.21 2.74
CA GLU B 276 28.40 -13.83 1.75
C GLU B 276 27.86 -13.61 0.33
N ALA B 277 26.54 -13.68 0.19
CA ALA B 277 25.88 -13.42 -1.09
C ALA B 277 26.21 -12.02 -1.60
N VAL B 278 26.23 -11.04 -0.70
CA VAL B 278 26.59 -9.68 -1.03
C VAL B 278 28.02 -9.58 -1.58
N GLU B 279 28.97 -10.21 -0.88
CA GLU B 279 30.38 -10.17 -1.30
C GLU B 279 30.56 -10.81 -2.67
N MET B 280 29.87 -11.92 -2.92
CA MET B 280 29.89 -12.60 -4.22
C MET B 280 29.32 -11.75 -5.36
N ALA B 281 28.24 -11.02 -5.06
CA ALA B 281 27.63 -10.10 -6.02
C ALA B 281 28.53 -8.89 -6.27
N GLU B 282 29.19 -8.40 -5.22
CA GLU B 282 30.15 -7.32 -5.37
C GLU B 282 31.36 -7.71 -6.25
N ASN B 283 31.85 -8.93 -6.04
CA ASN B 283 32.88 -9.55 -6.86
C ASN B 283 32.47 -9.60 -8.34
N ASP B 284 31.30 -10.19 -8.59
CA ASP B 284 30.82 -10.47 -9.95
C ASP B 284 30.39 -9.22 -10.72
N ASN B 285 30.03 -8.15 -10.00
CA ASN B 285 29.45 -6.99 -10.65
C ASN B 285 30.33 -5.79 -10.65
N ARG B 286 31.37 -5.82 -9.82
CA ARG B 286 32.15 -4.62 -9.59
C ARG B 286 33.65 -4.87 -9.54
N TRP B 287 34.06 -5.76 -8.61
CA TRP B 287 35.47 -5.84 -8.29
C TRP B 287 36.28 -6.47 -9.43
N TRP B 288 35.70 -7.47 -10.08
CA TRP B 288 36.34 -8.15 -11.21
C TRP B 288 36.75 -7.13 -12.26
N PHE B 289 35.89 -6.13 -12.52
CA PHE B 289 36.18 -5.11 -13.52
C PHE B 289 37.30 -4.18 -13.06
N PHE B 290 37.16 -3.65 -11.85
CA PHE B 290 38.13 -2.66 -11.37
C PHE B 290 39.47 -3.26 -10.99
N ASP B 291 39.46 -4.52 -10.54
CA ASP B 291 40.71 -5.25 -10.31
C ASP B 291 41.49 -5.47 -11.62
N ALA B 292 40.76 -5.60 -12.73
CA ALA B 292 41.43 -5.71 -14.03
C ALA B 292 42.14 -4.43 -14.43
N ILE B 293 41.47 -3.28 -14.30
CA ILE B 293 42.03 -2.03 -14.82
C ILE B 293 42.91 -1.27 -13.82
N ILE B 294 42.86 -1.68 -12.56
CA ILE B 294 43.69 -1.07 -11.52
C ILE B 294 44.85 -2.00 -11.18
N ARG B 295 44.57 -3.29 -11.08
CA ARG B 295 45.55 -4.25 -10.58
C ARG B 295 46.06 -5.16 -11.66
N GLY B 296 45.45 -5.04 -12.84
CA GLY B 296 45.82 -5.86 -13.98
C GLY B 296 45.37 -7.29 -13.87
N GLU B 297 44.54 -7.61 -12.87
CA GLU B 297 44.09 -9.00 -12.71
C GLU B 297 42.92 -9.35 -13.60
N ILE B 298 43.03 -10.47 -14.30
CA ILE B 298 41.96 -10.90 -15.21
C ILE B 298 41.93 -12.41 -15.44
N THR B 299 40.85 -12.88 -16.06
CA THR B 299 40.67 -14.26 -16.48
C THR B 299 40.58 -14.30 -18.03
N ARG B 300 41.27 -15.26 -18.66
CA ARG B 300 41.28 -15.33 -20.12
C ARG B 300 40.81 -16.69 -20.65
N GLU B 303 42.56 -19.09 -17.18
CA GLU B 303 42.98 -18.96 -15.78
C GLU B 303 43.16 -17.49 -15.36
N LYS B 304 43.58 -17.28 -14.11
CA LYS B 304 43.72 -15.96 -13.50
C LYS B 304 45.14 -15.38 -13.54
N ILE B 305 45.32 -14.37 -14.41
CA ILE B 305 46.62 -13.80 -14.77
C ILE B 305 46.74 -12.32 -14.41
N VAL B 306 47.96 -11.79 -14.44
CA VAL B 306 48.18 -10.35 -14.32
C VAL B 306 48.74 -9.82 -15.65
N ARG B 307 48.04 -8.84 -16.23
CA ARG B 307 48.49 -8.19 -17.45
C ARG B 307 49.11 -6.85 -17.12
N ASP B 308 50.40 -6.71 -17.43
CA ASP B 308 51.13 -5.49 -17.12
C ASP B 308 50.64 -4.31 -17.95
N ASP B 309 50.03 -4.61 -19.08
CA ASP B 309 49.45 -3.58 -19.93
C ASP B 309 48.09 -3.05 -19.39
N LEU B 310 47.49 -3.77 -18.45
CA LEU B 310 46.23 -3.34 -17.81
C LEU B 310 46.42 -2.66 -16.45
N LYS B 311 47.42 -3.12 -15.69
CA LYS B 311 47.70 -2.66 -14.33
C LYS B 311 47.89 -1.15 -14.30
N GLY B 312 47.25 -0.49 -13.33
CA GLY B 312 47.45 0.94 -13.08
C GLY B 312 46.84 1.96 -14.01
N ARG B 313 45.93 1.53 -14.88
CA ARG B 313 45.33 2.45 -15.86
C ARG B 313 44.08 3.16 -15.33
N LEU B 314 44.23 3.86 -14.19
CA LEU B 314 43.11 4.60 -13.59
C LEU B 314 43.56 5.58 -12.52
N ASP B 315 43.13 6.83 -12.66
CA ASP B 315 43.47 7.87 -11.72
C ASP B 315 42.31 8.18 -10.77
N TRP B 316 41.07 7.94 -11.24
CA TRP B 316 39.86 8.25 -10.44
C TRP B 316 38.64 7.41 -10.86
N ILE B 317 37.64 7.33 -9.98
CA ILE B 317 36.48 6.48 -10.21
C ILE B 317 35.23 7.34 -10.22
N GLY B 318 34.44 7.19 -11.28
CA GLY B 318 33.18 7.89 -11.35
C GLY B 318 32.10 6.97 -10.84
N VAL B 319 31.44 7.37 -9.76
CA VAL B 319 30.48 6.49 -9.11
C VAL B 319 29.09 6.89 -9.56
N ASN B 320 28.43 6.03 -10.33
CA ASN B 320 27.02 6.21 -10.70
C ASN B 320 26.19 5.38 -9.74
N TYR B 321 25.04 5.90 -9.33
CA TYR B 321 24.24 5.19 -8.33
C TYR B 321 22.80 5.61 -8.38
N TYR B 322 21.88 4.64 -8.41
CA TYR B 322 20.44 4.91 -8.19
C TYR B 322 19.81 4.26 -6.97
N THR B 323 20.15 3.01 -6.72
CA THR B 323 19.35 2.20 -5.77
C THR B 323 20.11 0.94 -5.39
N ARG B 324 19.47 0.08 -4.58
CA ARG B 324 20.12 -1.14 -4.14
C ARG B 324 19.75 -2.32 -5.00
N THR B 325 20.44 -3.41 -4.76
CA THR B 325 20.00 -4.71 -5.22
C THR B 325 20.04 -5.64 -4.02
N VAL B 326 18.92 -6.31 -3.75
CA VAL B 326 18.82 -7.21 -2.62
C VAL B 326 19.13 -8.59 -3.12
N VAL B 327 20.05 -9.26 -2.43
CA VAL B 327 20.49 -10.58 -2.84
C VAL B 327 20.30 -11.62 -1.73
N LYS B 328 20.13 -12.87 -2.13
CA LYS B 328 20.06 -13.95 -1.16
C LYS B 328 20.97 -15.12 -1.54
N ARG B 329 21.52 -15.79 -0.52
CA ARG B 329 22.40 -16.94 -0.72
C ARG B 329 21.61 -18.10 -1.28
N THR B 330 22.19 -18.77 -2.26
CA THR B 330 21.56 -19.91 -2.92
C THR B 330 22.47 -21.12 -2.78
N GLU B 331 21.92 -22.31 -3.01
CA GLU B 331 22.68 -23.57 -3.10
C GLU B 331 23.90 -23.38 -4.00
N LYS B 332 23.67 -23.00 -5.26
CA LYS B 332 24.73 -22.82 -6.25
C LYS B 332 25.50 -21.49 -6.21
N GLY B 333 24.94 -20.48 -5.55
CA GLY B 333 25.60 -19.18 -5.42
C GLY B 333 24.74 -18.11 -4.78
N TYR B 334 24.25 -17.16 -5.59
CA TYR B 334 23.39 -16.08 -5.09
C TYR B 334 22.37 -15.68 -6.15
N VAL B 335 21.26 -15.06 -5.73
CA VAL B 335 20.31 -14.48 -6.68
C VAL B 335 19.84 -13.12 -6.18
N SER B 336 19.47 -12.24 -7.12
CA SER B 336 18.87 -10.97 -6.74
C SER B 336 17.35 -11.10 -6.73
N LEU B 337 16.70 -10.30 -5.88
CA LEU B 337 15.27 -10.44 -5.66
C LEU B 337 14.47 -9.35 -6.33
N GLY B 338 13.40 -9.75 -7.02
CA GLY B 338 12.41 -8.81 -7.53
C GLY B 338 11.70 -8.11 -6.38
N GLY B 339 11.13 -6.92 -6.65
CA GLY B 339 10.40 -6.22 -5.59
C GLY B 339 11.23 -5.30 -4.72
N TYR B 340 12.53 -5.17 -5.01
CA TYR B 340 13.43 -4.22 -4.38
C TYR B 340 14.29 -3.58 -5.49
N GLY B 341 14.96 -2.48 -5.16
CA GLY B 341 15.95 -1.89 -6.05
C GLY B 341 15.34 -1.47 -7.37
N HIS B 342 15.95 -1.86 -8.48
CA HIS B 342 15.42 -1.44 -9.78
C HIS B 342 14.36 -2.38 -10.34
N GLY B 343 14.03 -3.40 -9.57
CA GLY B 343 13.04 -4.37 -10.00
C GLY B 343 11.69 -4.21 -9.32
N CYS B 344 11.20 -2.98 -9.20
CA CYS B 344 9.89 -2.73 -8.58
C CYS B 344 8.88 -2.25 -9.62
N GLU B 345 7.60 -2.23 -9.23
CA GLU B 345 6.57 -1.58 -10.04
C GLU B 345 6.80 -0.07 -10.07
N ARG B 346 6.46 0.58 -11.19
CA ARG B 346 6.58 2.04 -11.30
C ARG B 346 5.54 2.73 -10.43
N ASN B 347 5.94 3.86 -9.85
CA ASN B 347 5.04 4.70 -9.06
C ASN B 347 4.31 3.87 -8.04
N SER B 348 5.08 3.22 -7.18
CA SER B 348 4.48 2.30 -6.23
C SER B 348 5.37 2.26 -5.00
N VAL B 349 5.41 1.09 -4.38
CA VAL B 349 6.17 0.89 -3.18
C VAL B 349 6.88 -0.44 -3.34
N SER B 350 8.08 -0.56 -2.77
CA SER B 350 8.79 -1.82 -2.87
C SER B 350 8.24 -2.79 -1.84
N LEU B 351 8.73 -4.03 -1.88
CA LEU B 351 8.46 -4.99 -0.80
C LEU B 351 8.82 -4.50 0.58
N ALA B 352 9.77 -3.57 0.67
CA ALA B 352 10.12 -2.95 1.94
C ALA B 352 9.29 -1.71 2.31
N GLY B 353 8.28 -1.38 1.51
CA GLY B 353 7.50 -0.18 1.72
C GLY B 353 8.16 1.14 1.37
N LEU B 354 9.24 1.10 0.57
CA LEU B 354 9.92 2.32 0.15
C LEU B 354 9.36 2.77 -1.20
N PRO B 355 9.19 4.08 -1.39
CA PRO B 355 8.55 4.58 -2.60
C PRO B 355 9.40 4.30 -3.87
N THR B 356 8.75 4.05 -5.00
CA THR B 356 9.49 3.81 -6.25
C THR B 356 9.27 4.94 -7.24
N SER B 357 10.21 5.07 -8.18
CA SER B 357 10.18 6.20 -9.11
C SER B 357 9.29 5.90 -10.33
N ASP B 358 9.24 6.85 -11.26
CA ASP B 358 8.52 6.63 -12.53
C ASP B 358 9.10 5.42 -13.30
N PHE B 359 10.33 5.02 -12.95
CA PHE B 359 11.08 3.92 -13.57
C PHE B 359 10.99 2.64 -12.75
N GLY B 360 10.39 2.72 -11.56
CA GLY B 360 10.23 1.53 -10.76
C GLY B 360 11.46 1.26 -9.92
N TRP B 361 12.20 2.31 -9.57
CA TRP B 361 13.43 2.16 -8.80
C TRP B 361 13.20 2.63 -7.37
N GLU B 362 13.62 1.80 -6.43
CA GLU B 362 13.40 1.99 -5.00
C GLU B 362 14.26 3.09 -4.37
N PHE B 363 13.68 3.87 -3.46
CA PHE B 363 14.37 4.94 -2.77
C PHE B 363 15.28 4.31 -1.70
N PHE B 364 16.60 4.42 -1.87
CA PHE B 364 17.55 3.80 -0.95
C PHE B 364 18.88 4.56 -0.90
N PRO B 365 18.86 5.77 -0.36
CA PRO B 365 20.06 6.61 -0.40
C PRO B 365 21.24 6.05 0.39
N GLU B 366 20.97 5.22 1.39
CA GLU B 366 22.03 4.64 2.22
C GLU B 366 23.01 3.88 1.34
N GLY B 367 22.48 3.31 0.26
CA GLY B 367 23.32 2.56 -0.65
C GLY B 367 24.48 3.34 -1.27
N LEU B 368 24.33 4.65 -1.41
CA LEU B 368 25.38 5.48 -1.97
C LEU B 368 26.58 5.55 -0.99
N TYR B 369 26.26 5.69 0.31
CA TYR B 369 27.31 5.65 1.33
C TYR B 369 28.05 4.31 1.23
N ASP B 370 27.32 3.20 1.18
CA ASP B 370 27.90 1.88 1.04
C ASP B 370 28.88 1.81 -0.16
N VAL B 371 28.40 2.21 -1.34
CA VAL B 371 29.20 2.14 -2.56
C VAL B 371 30.46 3.00 -2.51
N LEU B 372 30.33 4.25 -2.09
CA LEU B 372 31.46 5.16 -2.03
C LEU B 372 32.56 4.64 -1.08
N THR B 373 32.15 4.17 0.10
CA THR B 373 33.14 3.78 1.10
C THR B 373 33.77 2.47 0.73
N LYS B 374 33.00 1.57 0.13
CA LYS B 374 33.58 0.33 -0.34
C LYS B 374 34.66 0.53 -1.44
N TYR B 375 34.39 1.42 -2.40
CA TYR B 375 35.37 1.72 -3.42
C TYR B 375 36.62 2.33 -2.76
N TRP B 376 36.38 3.26 -1.84
CA TRP B 376 37.45 4.00 -1.18
C TRP B 376 38.37 3.05 -0.43
N ASN B 377 37.75 2.16 0.34
CA ASN B 377 38.51 1.21 1.12
C ASN B 377 39.28 0.18 0.31
N ARG B 378 38.79 -0.15 -0.89
CA ARG B 378 39.48 -1.13 -1.71
C ARG B 378 40.68 -0.52 -2.47
N TYR B 379 40.51 0.69 -3.00
CA TYR B 379 41.43 1.19 -4.01
C TYR B 379 42.07 2.47 -3.62
N HIS B 380 41.44 3.21 -2.71
CA HIS B 380 41.94 4.49 -2.29
C HIS B 380 42.22 5.46 -3.46
N LEU B 381 41.36 5.43 -4.47
CA LEU B 381 41.35 6.42 -5.54
C LEU B 381 40.23 7.42 -5.30
N TYR B 382 40.50 8.70 -5.53
CA TYR B 382 39.45 9.71 -5.36
C TYR B 382 38.28 9.50 -6.35
N MET B 383 37.10 10.02 -5.97
CA MET B 383 35.89 9.75 -6.72
C MET B 383 35.10 11.00 -6.93
N TYR B 384 34.24 10.92 -7.94
CA TYR B 384 33.22 11.91 -8.18
C TYR B 384 31.96 11.08 -8.18
N VAL B 385 30.86 11.62 -7.68
CA VAL B 385 29.59 10.93 -7.90
C VAL B 385 29.16 11.46 -9.26
N THR B 386 29.27 10.63 -10.29
CA THR B 386 29.10 11.13 -11.67
C THR B 386 27.67 11.01 -12.22
N GLU B 387 26.83 10.25 -11.52
CA GLU B 387 25.44 10.09 -11.95
C GLU B 387 24.60 9.69 -10.75
N ASN B 388 23.54 10.46 -10.52
CA ASN B 388 22.58 10.15 -9.42
C ASN B 388 21.35 10.99 -9.67
N GLY B 389 20.17 10.37 -9.67
CA GLY B 389 18.97 11.15 -9.92
C GLY B 389 17.77 10.23 -9.99
N ILE B 390 16.65 10.72 -10.50
CA ILE B 390 15.40 9.97 -10.43
C ILE B 390 14.49 10.34 -11.57
N ALA B 391 13.77 9.37 -12.10
CA ALA B 391 12.74 9.62 -13.12
C ALA B 391 11.50 10.09 -12.38
N ASP B 392 11.11 11.33 -12.60
CA ASP B 392 10.08 11.95 -11.78
C ASP B 392 9.62 13.20 -12.49
N ASP B 393 8.64 13.06 -13.39
CA ASP B 393 8.15 14.21 -14.16
C ASP B 393 7.45 15.20 -13.26
N ALA B 394 6.72 14.68 -12.28
CA ALA B 394 5.91 15.52 -11.38
C ALA B 394 6.75 16.30 -10.36
N ASP B 395 7.98 15.86 -10.12
CA ASP B 395 8.89 16.37 -9.08
C ASP B 395 8.43 16.09 -7.63
N TYR B 396 7.60 15.07 -7.44
CA TYR B 396 7.11 14.72 -6.10
C TYR B 396 8.26 14.24 -5.19
N GLN B 397 9.10 13.35 -5.72
CA GLN B 397 10.11 12.67 -4.92
C GLN B 397 11.51 13.31 -5.03
N ARG B 398 11.79 13.92 -6.18
CA ARG B 398 13.13 14.45 -6.42
C ARG B 398 13.71 15.36 -5.31
N PRO B 399 12.94 16.28 -4.72
CA PRO B 399 13.50 17.09 -3.63
C PRO B 399 14.10 16.24 -2.51
N TYR B 400 13.43 15.15 -2.12
CA TYR B 400 13.91 14.20 -1.11
C TYR B 400 15.07 13.40 -1.63
N TYR B 401 14.93 12.94 -2.88
CA TYR B 401 15.96 12.10 -3.49
C TYR B 401 17.27 12.89 -3.55
N LEU B 402 17.22 14.12 -4.05
CA LEU B 402 18.41 14.99 -4.15
C LEU B 402 19.06 15.25 -2.79
N VAL B 403 18.28 15.78 -1.85
CA VAL B 403 18.86 16.12 -0.54
C VAL B 403 19.42 14.90 0.16
N SER B 404 18.71 13.78 0.12
CA SER B 404 19.14 12.59 0.83
C SER B 404 20.44 12.02 0.27
N HIS B 405 20.55 12.00 -1.05
CA HIS B 405 21.78 11.44 -1.63
C HIS B 405 22.94 12.35 -1.42
N VAL B 406 22.73 13.66 -1.49
CA VAL B 406 23.80 14.62 -1.25
C VAL B 406 24.29 14.44 0.19
N TYR B 407 23.35 14.25 1.12
CA TYR B 407 23.73 13.97 2.52
C TYR B 407 24.62 12.75 2.66
N GLN B 408 24.31 11.69 1.92
CA GLN B 408 25.11 10.47 1.98
C GLN B 408 26.55 10.65 1.45
N VAL B 409 26.74 11.60 0.53
CA VAL B 409 28.08 11.93 0.06
C VAL B 409 28.83 12.67 1.18
N HIS B 410 28.12 13.55 1.89
CA HIS B 410 28.69 14.26 3.05
C HIS B 410 29.14 13.24 4.09
N ARG B 411 28.30 12.23 4.31
CA ARG B 411 28.62 11.11 5.20
C ARG B 411 29.90 10.39 4.77
N ALA B 412 29.98 10.02 3.49
CA ALA B 412 31.16 9.33 2.97
C ALA B 412 32.44 10.14 3.19
N ILE B 413 32.41 11.43 2.88
CA ILE B 413 33.57 12.28 3.07
C ILE B 413 33.94 12.28 4.56
N ASN B 414 32.93 12.49 5.40
CA ASN B 414 33.13 12.48 6.84
C ASN B 414 33.81 11.21 7.35
N SER B 415 33.51 10.08 6.72
CA SER B 415 34.19 8.81 7.03
C SER B 415 35.61 8.69 6.43
N GLY B 416 36.06 9.70 5.69
CA GLY B 416 37.41 9.68 5.14
C GLY B 416 37.56 9.43 3.64
N ALA B 417 36.46 9.15 2.94
CA ALA B 417 36.47 8.92 1.49
C ALA B 417 36.77 10.21 0.75
N ASP B 418 37.67 10.16 -0.24
CA ASP B 418 37.97 11.34 -1.04
C ASP B 418 36.95 11.43 -2.20
N VAL B 419 35.95 12.30 -2.04
CA VAL B 419 34.89 12.51 -3.04
C VAL B 419 34.89 13.99 -3.34
N ARG B 420 35.00 14.34 -4.63
CA ARG B 420 35.33 15.71 -5.01
C ARG B 420 34.22 16.42 -5.69
N GLY B 421 33.12 15.71 -5.93
CA GLY B 421 31.99 16.34 -6.55
C GLY B 421 30.77 15.47 -6.61
N TYR B 422 29.65 16.12 -6.89
CA TYR B 422 28.38 15.43 -7.08
C TYR B 422 27.74 16.02 -8.34
N LEU B 423 27.46 15.14 -9.30
CA LEU B 423 26.92 15.56 -10.61
C LEU B 423 25.59 14.84 -10.77
N HIS B 424 24.52 15.63 -10.73
CA HIS B 424 23.16 15.09 -10.79
C HIS B 424 22.85 14.65 -12.21
N TRP B 425 22.14 13.54 -12.33
CA TRP B 425 21.56 13.17 -13.61
C TRP B 425 20.09 13.55 -13.61
N SER B 426 19.68 14.59 -14.34
CA SER B 426 20.55 15.41 -15.19
C SER B 426 20.07 16.83 -15.03
N LEU B 427 20.76 17.77 -15.71
CA LEU B 427 20.26 19.14 -15.75
C LEU B 427 18.86 19.23 -16.33
N ALA B 428 18.64 18.58 -17.47
CA ALA B 428 17.34 18.65 -18.11
C ALA B 428 16.91 17.25 -18.54
N ASP B 429 15.62 17.08 -18.80
CA ASP B 429 15.07 15.84 -19.32
C ASP B 429 15.79 15.53 -20.64
N ASN B 430 15.86 14.25 -20.98
CA ASN B 430 16.50 13.84 -22.22
C ASN B 430 15.99 12.46 -22.67
N TYR B 431 16.56 11.95 -23.77
CA TYR B 431 16.07 10.72 -24.38
C TYR B 431 16.60 9.55 -23.59
N GLU B 432 15.69 8.82 -22.93
CA GLU B 432 16.09 7.69 -22.07
C GLU B 432 16.13 6.39 -22.88
N TRP B 433 17.03 6.34 -23.85
CA TRP B 433 17.36 5.10 -24.54
C TRP B 433 16.13 4.39 -25.09
N ALA B 434 16.00 3.10 -24.82
CA ALA B 434 14.87 2.32 -25.34
C ALA B 434 13.50 2.76 -24.76
N SER B 435 13.54 3.44 -23.61
CA SER B 435 12.33 3.98 -22.97
C SER B 435 11.82 5.27 -23.59
N GLY B 436 12.65 5.95 -24.37
CA GLY B 436 12.21 7.19 -25.00
C GLY B 436 12.14 8.38 -24.04
N PHE B 437 11.33 9.35 -24.38
CA PHE B 437 11.27 10.59 -23.61
C PHE B 437 10.43 10.52 -22.31
N SER B 438 9.68 9.45 -22.09
CA SER B 438 8.69 9.45 -20.98
C SER B 438 9.36 9.46 -19.58
N MET B 439 10.60 9.01 -19.50
CA MET B 439 11.36 8.97 -18.26
C MET B 439 12.12 10.25 -18.09
N ARG B 440 11.71 11.10 -17.16
CA ARG B 440 12.22 12.45 -17.09
C ARG B 440 13.08 12.65 -15.85
N PHE B 441 14.38 12.78 -16.07
CA PHE B 441 15.36 12.87 -14.99
C PHE B 441 15.82 14.30 -14.71
N GLY B 442 15.27 15.28 -15.39
CA GLY B 442 15.80 16.62 -15.29
C GLY B 442 15.47 17.36 -13.97
N LEU B 443 16.44 18.14 -13.50
CA LEU B 443 16.15 19.26 -12.61
C LEU B 443 15.28 20.27 -13.36
N LEU B 444 15.50 20.37 -14.68
CA LEU B 444 14.65 21.20 -15.54
C LEU B 444 13.78 20.30 -16.39
N LYS B 445 12.51 20.67 -16.50
CA LYS B 445 11.56 20.02 -17.36
C LYS B 445 11.71 20.56 -18.78
N VAL B 446 11.69 19.67 -19.76
CA VAL B 446 11.77 20.09 -21.18
C VAL B 446 10.38 19.97 -21.80
N ASP B 447 9.91 21.04 -22.42
CA ASP B 447 8.78 20.96 -23.34
C ASP B 447 9.41 20.60 -24.70
N TYR B 448 9.17 19.38 -25.17
CA TYR B 448 9.81 18.89 -26.40
C TYR B 448 9.26 19.52 -27.68
N ASN B 449 8.09 20.18 -27.58
CA ASN B 449 7.53 20.94 -28.70
C ASN B 449 8.27 22.25 -28.91
N THR B 450 8.54 22.98 -27.84
CA THR B 450 9.17 24.29 -27.99
C THR B 450 10.65 24.29 -27.65
N LYS B 451 11.10 23.20 -27.03
CA LYS B 451 12.46 23.10 -26.47
C LYS B 451 12.72 24.02 -25.25
N ARG B 452 11.68 24.65 -24.71
CA ARG B 452 11.82 25.49 -23.52
C ARG B 452 12.11 24.63 -22.27
N LEU B 453 12.90 25.20 -21.38
CA LEU B 453 13.31 24.56 -20.12
C LEU B 453 12.61 25.22 -18.96
N TYR B 454 12.12 24.41 -18.02
CA TYR B 454 11.41 24.95 -16.84
C TYR B 454 12.08 24.43 -15.59
N TRP B 455 12.10 25.26 -14.53
CA TRP B 455 12.74 24.86 -13.27
C TRP B 455 11.73 24.09 -12.44
N ARG B 456 11.97 22.82 -12.23
CA ARG B 456 11.12 22.09 -11.26
C ARG B 456 11.55 22.59 -9.87
N PRO B 457 10.68 22.53 -8.89
CA PRO B 457 11.09 22.97 -7.52
C PRO B 457 12.40 22.32 -7.05
N SER B 458 12.66 21.05 -7.38
CA SER B 458 13.98 20.47 -7.06
C SER B 458 15.19 21.28 -7.57
N ALA B 459 15.05 21.97 -8.70
CA ALA B 459 16.12 22.80 -9.24
C ALA B 459 16.39 24.00 -8.32
N LEU B 460 15.31 24.57 -7.75
CA LEU B 460 15.47 25.62 -6.73
C LEU B 460 16.17 25.10 -5.47
N VAL B 461 15.83 23.86 -5.09
CA VAL B 461 16.47 23.18 -3.98
C VAL B 461 17.97 22.96 -4.28
N TYR B 462 18.27 22.50 -5.51
CA TYR B 462 19.66 22.30 -5.91
C TYR B 462 20.43 23.61 -5.89
N ARG B 463 19.80 24.68 -6.31
CA ARG B 463 20.48 25.98 -6.30
C ARG B 463 20.86 26.38 -4.86
N GLU B 464 19.95 26.15 -3.92
CA GLU B 464 20.29 26.36 -2.50
C GLU B 464 21.51 25.60 -2.09
N ILE B 465 21.57 24.31 -2.44
CA ILE B 465 22.75 23.49 -2.10
C ILE B 465 24.04 24.01 -2.76
N ALA B 466 23.99 24.21 -4.07
CA ALA B 466 25.21 24.53 -4.83
C ALA B 466 25.77 25.91 -4.46
N THR B 467 24.91 26.92 -4.39
CA THR B 467 25.36 28.27 -4.02
C THR B 467 25.93 28.33 -2.59
N ASN B 468 25.43 27.49 -1.70
CA ASN B 468 25.92 27.47 -0.32
C ASN B 468 27.01 26.47 -0.05
N GLY B 469 27.22 25.53 -0.98
CA GLY B 469 28.17 24.45 -0.79
C GLY B 469 27.77 23.61 0.42
N ALA B 470 26.46 23.48 0.63
CA ALA B 470 25.95 22.79 1.82
C ALA B 470 24.48 22.41 1.68
N ILE B 471 24.05 21.38 2.39
CA ILE B 471 22.62 21.25 2.69
C ILE B 471 22.37 22.24 3.82
N THR B 472 21.62 23.31 3.56
CA THR B 472 21.40 24.37 4.53
C THR B 472 20.37 23.92 5.59
N ASP B 473 20.34 24.64 6.71
CA ASP B 473 19.40 24.25 7.77
C ASP B 473 17.98 24.23 7.26
N GLU B 474 17.62 25.18 6.39
CA GLU B 474 16.26 25.33 5.91
C GLU B 474 15.71 24.18 5.06
N ILE B 475 16.58 23.40 4.43
CA ILE B 475 16.13 22.31 3.54
C ILE B 475 16.51 20.95 4.08
N GLU B 476 17.05 20.94 5.29
CA GLU B 476 17.51 19.71 5.91
C GLU B 476 16.43 18.63 6.10
N HIS B 477 15.17 19.03 6.14
CA HIS B 477 14.10 18.07 6.39
C HIS B 477 13.93 17.12 5.18
N LEU B 478 14.47 17.55 4.03
CA LEU B 478 14.36 16.78 2.80
C LEU B 478 15.30 15.58 2.84
N ASN B 479 16.13 15.51 3.88
CA ASN B 479 16.93 14.33 4.12
C ASN B 479 16.10 13.25 4.77
N SER B 480 15.13 12.74 4.03
CA SER B 480 14.14 11.80 4.53
C SER B 480 13.47 11.12 3.35
N VAL B 481 12.67 10.08 3.63
CA VAL B 481 11.97 9.31 2.61
C VAL B 481 10.71 10.08 2.20
N PRO B 482 10.43 10.22 0.89
CA PRO B 482 9.17 10.85 0.46
C PRO B 482 7.99 10.15 1.18
N PRO B 483 7.08 10.89 1.81
CA PRO B 483 5.92 10.23 2.46
C PRO B 483 5.18 9.31 1.48
N VAL B 484 4.99 8.04 1.87
CA VAL B 484 4.35 7.07 0.97
C VAL B 484 2.82 7.16 0.98
N LYS B 485 2.23 7.58 2.09
CA LYS B 485 0.76 7.63 2.17
C LYS B 485 0.04 8.42 1.04
N PRO B 486 0.48 9.63 0.67
CA PRO B 486 -0.17 10.36 -0.44
C PRO B 486 0.19 9.86 -1.84
N LEU B 487 1.15 8.95 -1.95
CA LEU B 487 1.61 8.45 -3.28
C LEU B 487 0.87 7.19 -3.72
N ARG B 488 0.99 6.84 -4.99
CA ARG B 488 0.41 5.61 -5.46
C ARG B 488 1.06 4.40 -4.81
N HIS B 489 0.24 3.41 -4.47
CA HIS B 489 0.70 2.05 -4.17
C HIS B 489 0.26 1.11 -5.30
#